data_4E90
#
_entry.id   4E90
#
_cell.length_a   103.579
_cell.length_b   103.579
_cell.length_c   270.214
_cell.angle_alpha   90.00
_cell.angle_beta   90.00
_cell.angle_gamma   90.00
#
_symmetry.space_group_name_H-M   'P 41 21 2'
#
loop_
_entity.id
_entity.type
_entity.pdbx_description
1 polymer "High affinity cGMP-specific 3',5'-cyclic phosphodiesterase 9A"
2 non-polymer 'ZINC ION'
3 non-polymer 'MAGNESIUM ION'
4 non-polymer 6-[(3S,4S)-4-methyl-1-(pyrimidin-2-ylmethyl)pyrrolidin-3-yl]-1-(tetrahydro-2H-pyran-4-yl)-1,5-dihydro-4H-pyrazolo[3,4-d]pyrimidin-4-one
5 water water
#
_entity_poly.entity_id   1
_entity_poly.type   'polypeptide(L)'
_entity_poly.pdbx_seq_one_letter_code
;GSHMTYPKYLLSPETIEALRKPTFDVWLWEPNEMLSCLEHMYHDLGLVRDFSINPVTLRRWLFCVHDNYRNNPFHNFRHC
FCVAQMMYSMVWLCSLQEKFSQTDILILMTAAICHDLDHPGYNNTYQINARTELAVRYNDISPLENHHCAVAFQILAEPE
CNIFSNIPPDGFKQIRQGMITLILATDMARHAEIMDSFKEKMENFDYSNEEHMTLLKMILIKCCDISNEVRPMEVAEPWV
DCLLEEYFMQSDREKSEGLPVAPFMDRDKVTKATAQIGFIKFVLIPMFETVTKLFPMVEEIMLQPLWESRDRYEELKRID
DAMKELQKK
;
_entity_poly.pdbx_strand_id   A,B
#
# COMPACT_ATOMS: atom_id res chain seq x y z
N GLY A 1 23.72 -23.84 -37.86
CA GLY A 1 25.02 -24.49 -37.95
C GLY A 1 25.05 -25.93 -37.47
N SER A 2 23.86 -26.60 -37.45
CA SER A 2 23.67 -27.99 -37.01
C SER A 2 23.34 -28.95 -38.17
N HIS A 3 23.66 -30.26 -37.98
CA HIS A 3 23.46 -31.35 -38.95
C HIS A 3 22.00 -31.58 -39.37
N MET A 4 21.05 -31.15 -38.54
CA MET A 4 19.61 -31.27 -38.79
C MET A 4 18.89 -30.03 -38.24
N THR A 5 17.62 -29.83 -38.67
CA THR A 5 16.79 -28.72 -38.21
C THR A 5 16.07 -29.15 -36.93
N TYR A 6 16.06 -28.27 -35.93
CA TYR A 6 15.39 -28.48 -34.65
C TYR A 6 14.23 -27.47 -34.54
N PRO A 7 13.09 -27.83 -33.92
CA PRO A 7 12.01 -26.85 -33.78
C PRO A 7 12.40 -25.60 -32.99
N LYS A 8 11.71 -24.48 -33.26
CA LYS A 8 11.95 -23.14 -32.71
C LYS A 8 12.15 -23.08 -31.19
N TYR A 9 11.33 -23.85 -30.42
CA TYR A 9 11.39 -23.93 -28.95
C TYR A 9 12.67 -24.59 -28.40
N LEU A 10 13.44 -25.26 -29.28
CA LEU A 10 14.74 -25.84 -28.94
C LEU A 10 15.73 -24.77 -29.36
N LEU A 11 16.20 -23.98 -28.40
CA LEU A 11 17.11 -22.86 -28.64
C LEU A 11 18.43 -23.34 -29.20
N SER A 12 18.90 -22.68 -30.27
CA SER A 12 20.18 -23.01 -30.89
C SER A 12 21.35 -22.57 -29.97
N PRO A 13 22.54 -23.23 -30.05
CA PRO A 13 23.69 -22.78 -29.23
C PRO A 13 24.03 -21.29 -29.35
N GLU A 14 23.78 -20.71 -30.55
CA GLU A 14 24.00 -19.30 -30.89
C GLU A 14 23.03 -18.40 -30.12
N THR A 15 21.75 -18.80 -30.01
CA THR A 15 20.72 -18.07 -29.27
C THR A 15 21.08 -18.03 -27.79
N ILE A 16 21.46 -19.19 -27.20
CA ILE A 16 21.87 -19.37 -25.80
C ILE A 16 22.99 -18.38 -25.41
N GLU A 17 23.97 -18.27 -26.30
CA GLU A 17 25.13 -17.40 -26.20
C GLU A 17 24.71 -15.92 -26.29
N ALA A 18 23.93 -15.56 -27.32
CA ALA A 18 23.47 -14.19 -27.59
C ALA A 18 22.55 -13.67 -26.49
N LEU A 19 21.81 -14.56 -25.82
CA LEU A 19 20.86 -14.30 -24.74
C LEU A 19 21.50 -13.62 -23.53
N ARG A 20 22.83 -13.77 -23.38
CA ARG A 20 23.63 -13.23 -22.27
C ARG A 20 24.01 -11.76 -22.44
N LYS A 21 23.77 -11.19 -23.62
CA LYS A 21 24.17 -9.83 -23.98
C LYS A 21 23.00 -8.88 -24.21
N PRO A 22 23.18 -7.55 -23.94
CA PRO A 22 22.07 -6.59 -24.14
C PRO A 22 21.77 -6.27 -25.61
N THR A 23 22.52 -6.85 -26.54
CA THR A 23 22.37 -6.69 -27.98
C THR A 23 21.32 -7.67 -28.55
N PHE A 24 20.82 -8.60 -27.71
CA PHE A 24 19.84 -9.61 -28.09
C PHE A 24 18.61 -8.98 -28.76
N ASP A 25 18.27 -9.42 -29.98
CA ASP A 25 17.10 -8.88 -30.66
C ASP A 25 15.85 -9.57 -30.14
N VAL A 26 15.15 -8.85 -29.25
CA VAL A 26 13.91 -9.29 -28.59
C VAL A 26 12.72 -9.46 -29.54
N TRP A 27 12.80 -8.87 -30.75
CA TRP A 27 11.72 -8.89 -31.75
C TRP A 27 11.65 -10.16 -32.58
N LEU A 28 12.75 -10.89 -32.70
CA LEU A 28 12.85 -12.09 -33.54
C LEU A 28 12.09 -13.29 -33.04
N TRP A 29 11.63 -13.27 -31.79
CA TRP A 29 11.06 -14.43 -31.11
C TRP A 29 9.58 -14.43 -30.87
N GLU A 30 9.00 -15.63 -31.05
CA GLU A 30 7.60 -15.94 -30.80
C GLU A 30 7.45 -16.21 -29.29
N PRO A 31 6.23 -16.13 -28.69
CA PRO A 31 6.10 -16.40 -27.23
C PRO A 31 6.75 -17.69 -26.72
N ASN A 32 6.58 -18.81 -27.47
CA ASN A 32 7.15 -20.11 -27.11
C ASN A 32 8.70 -20.11 -27.08
N GLU A 33 9.35 -19.33 -27.98
CA GLU A 33 10.81 -19.20 -28.00
C GLU A 33 11.26 -18.35 -26.80
N MET A 34 10.47 -17.32 -26.45
CA MET A 34 10.75 -16.45 -25.31
C MET A 34 10.60 -17.20 -24.02
N LEU A 35 9.58 -18.10 -23.95
CA LEU A 35 9.34 -18.98 -22.80
C LEU A 35 10.52 -19.93 -22.60
N SER A 36 11.07 -20.48 -23.71
CA SER A 36 12.25 -21.35 -23.68
C SER A 36 13.48 -20.58 -23.18
N CYS A 37 13.61 -19.29 -23.58
CA CYS A 37 14.71 -18.40 -23.18
C CYS A 37 14.68 -18.16 -21.67
N LEU A 38 13.49 -17.87 -21.13
CA LEU A 38 13.30 -17.61 -19.70
C LEU A 38 13.64 -18.84 -18.85
N GLU A 39 13.18 -20.02 -19.32
CA GLU A 39 13.42 -21.33 -18.72
C GLU A 39 14.92 -21.60 -18.64
N HIS A 40 15.65 -21.36 -19.76
CA HIS A 40 17.11 -21.54 -19.82
C HIS A 40 17.81 -20.71 -18.76
N MET A 41 17.37 -19.45 -18.56
CA MET A 41 17.92 -18.51 -17.59
C MET A 41 17.89 -19.08 -16.17
N TYR A 42 16.77 -19.71 -15.78
CA TYR A 42 16.61 -20.31 -14.45
C TYR A 42 17.54 -21.49 -14.22
N HIS A 43 17.74 -22.31 -15.26
CA HIS A 43 18.65 -23.46 -15.20
C HIS A 43 20.08 -22.96 -15.19
N ASP A 44 20.43 -22.06 -16.14
CA ASP A 44 21.77 -21.51 -16.32
C ASP A 44 22.31 -20.72 -15.12
N LEU A 45 21.44 -19.98 -14.41
CA LEU A 45 21.81 -19.22 -13.23
C LEU A 45 21.95 -20.08 -11.95
N GLY A 46 21.64 -21.37 -12.07
CA GLY A 46 21.69 -22.35 -10.99
C GLY A 46 20.50 -22.25 -10.05
N LEU A 47 19.42 -21.56 -10.49
CA LEU A 47 18.22 -21.38 -9.68
C LEU A 47 17.41 -22.64 -9.53
N VAL A 48 17.32 -23.46 -10.61
CA VAL A 48 16.62 -24.75 -10.59
C VAL A 48 17.37 -25.68 -9.60
N ARG A 49 18.71 -25.67 -9.68
CA ARG A 49 19.58 -26.46 -8.80
C ARG A 49 19.48 -26.02 -7.33
N ASP A 50 19.74 -24.75 -7.05
CA ASP A 50 19.78 -24.23 -5.68
C ASP A 50 18.47 -24.13 -4.93
N PHE A 51 17.34 -24.02 -5.65
CA PHE A 51 16.04 -23.92 -5.01
C PHE A 51 15.14 -25.12 -5.25
N SER A 52 15.73 -26.22 -5.80
CA SER A 52 15.06 -27.49 -6.09
C SER A 52 13.74 -27.26 -6.84
N ILE A 53 13.78 -26.40 -7.86
CA ILE A 53 12.61 -26.06 -8.67
C ILE A 53 12.33 -27.29 -9.55
N ASN A 54 11.08 -27.78 -9.54
CA ASN A 54 10.73 -28.90 -10.41
C ASN A 54 10.75 -28.37 -11.86
N PRO A 55 11.55 -28.96 -12.77
CA PRO A 55 11.65 -28.43 -14.14
C PRO A 55 10.32 -28.27 -14.90
N VAL A 56 9.34 -29.15 -14.64
CA VAL A 56 8.01 -29.05 -15.28
C VAL A 56 7.23 -27.87 -14.69
N THR A 57 7.28 -27.70 -13.37
CA THR A 57 6.62 -26.59 -12.66
C THR A 57 7.13 -25.24 -13.19
N LEU A 58 8.45 -25.13 -13.43
CA LEU A 58 9.07 -23.94 -14.00
C LEU A 58 8.42 -23.57 -15.34
N ARG A 59 8.17 -24.57 -16.19
CA ARG A 59 7.54 -24.39 -17.48
C ARG A 59 6.06 -24.00 -17.36
N ARG A 60 5.30 -24.67 -16.48
CA ARG A 60 3.89 -24.36 -16.23
C ARG A 60 3.75 -22.96 -15.68
N TRP A 61 4.63 -22.60 -14.73
CA TRP A 61 4.66 -21.27 -14.11
C TRP A 61 4.89 -20.18 -15.17
N LEU A 62 5.89 -20.36 -16.05
CA LEU A 62 6.21 -19.42 -17.13
C LEU A 62 5.06 -19.31 -18.12
N PHE A 63 4.40 -20.42 -18.42
CA PHE A 63 3.25 -20.45 -19.33
C PHE A 63 2.07 -19.68 -18.70
N CYS A 64 1.85 -19.85 -17.38
CA CYS A 64 0.80 -19.15 -16.67
C CYS A 64 1.07 -17.63 -16.60
N VAL A 65 2.35 -17.25 -16.36
CA VAL A 65 2.80 -15.85 -16.33
C VAL A 65 2.47 -15.24 -17.71
N HIS A 66 2.89 -15.90 -18.80
CA HIS A 66 2.65 -15.49 -20.17
C HIS A 66 1.15 -15.21 -20.41
N ASP A 67 0.29 -16.13 -19.95
CA ASP A 67 -1.17 -16.02 -20.05
C ASP A 67 -1.73 -14.84 -19.26
N ASN A 68 -1.09 -14.45 -18.16
CA ASN A 68 -1.56 -13.34 -17.35
C ASN A 68 -1.09 -11.97 -17.79
N TYR A 69 -0.34 -11.91 -18.90
CA TYR A 69 0.06 -10.66 -19.54
C TYR A 69 -0.98 -10.35 -20.59
N ARG A 70 -1.35 -9.08 -20.73
CA ARG A 70 -2.36 -8.68 -21.71
C ARG A 70 -1.74 -8.30 -23.06
N ASN A 71 -2.55 -8.35 -24.13
CA ASN A 71 -2.10 -8.01 -25.49
C ASN A 71 -2.10 -6.50 -25.71
N ASN A 72 -1.30 -5.79 -24.92
CA ASN A 72 -1.14 -4.34 -24.97
C ASN A 72 -0.02 -3.99 -25.96
N PRO A 73 0.01 -2.75 -26.52
CA PRO A 73 1.11 -2.39 -27.44
C PRO A 73 2.50 -2.45 -26.78
N PHE A 74 2.60 -2.01 -25.51
CA PHE A 74 3.87 -1.98 -24.76
C PHE A 74 3.92 -2.96 -23.57
N HIS A 75 3.01 -2.81 -22.59
CA HIS A 75 2.97 -3.62 -21.36
C HIS A 75 2.40 -5.03 -21.60
N ASN A 76 3.21 -5.83 -22.30
CA ASN A 76 2.90 -7.18 -22.74
C ASN A 76 4.01 -8.17 -22.36
N PHE A 77 3.85 -9.44 -22.78
CA PHE A 77 4.82 -10.49 -22.51
C PHE A 77 6.22 -10.22 -23.09
N ARG A 78 6.32 -9.58 -24.27
CA ARG A 78 7.63 -9.26 -24.86
C ARG A 78 8.38 -8.23 -24.00
N HIS A 79 7.64 -7.31 -23.35
CA HIS A 79 8.22 -6.32 -22.44
C HIS A 79 8.78 -7.04 -21.20
N CYS A 80 7.98 -7.96 -20.62
CA CYS A 80 8.33 -8.83 -19.50
C CYS A 80 9.63 -9.57 -19.85
N PHE A 81 9.72 -10.09 -21.08
CA PHE A 81 10.91 -10.78 -21.61
C PHE A 81 12.14 -9.85 -21.64
N CYS A 82 11.99 -8.59 -22.15
CA CYS A 82 13.05 -7.56 -22.19
C CYS A 82 13.68 -7.33 -20.86
N VAL A 83 12.84 -7.05 -19.84
CA VAL A 83 13.24 -6.73 -18.48
C VAL A 83 14.01 -7.91 -17.88
N ALA A 84 13.48 -9.14 -18.02
CA ALA A 84 14.13 -10.35 -17.52
C ALA A 84 15.45 -10.63 -18.26
N GLN A 85 15.46 -10.45 -19.61
CA GLN A 85 16.64 -10.67 -20.44
C GLN A 85 17.73 -9.62 -20.11
N MET A 86 17.35 -8.35 -19.87
CA MET A 86 18.29 -7.29 -19.47
C MET A 86 18.88 -7.59 -18.09
N MET A 87 18.05 -8.10 -17.16
CA MET A 87 18.47 -8.50 -15.82
C MET A 87 19.53 -9.59 -15.89
N TYR A 88 19.24 -10.61 -16.72
CA TYR A 88 20.10 -11.74 -16.99
C TYR A 88 21.41 -11.27 -17.61
N SER A 89 21.36 -10.28 -18.52
CA SER A 89 22.55 -9.68 -19.14
C SER A 89 23.38 -8.96 -18.08
N MET A 90 22.71 -8.28 -17.14
CA MET A 90 23.37 -7.55 -16.06
C MET A 90 24.05 -8.44 -15.04
N VAL A 91 23.51 -9.66 -14.82
CA VAL A 91 24.12 -10.66 -13.95
C VAL A 91 25.52 -11.01 -14.51
N TRP A 92 25.63 -11.22 -15.84
CA TRP A 92 26.90 -11.54 -16.47
C TRP A 92 27.83 -10.36 -16.58
N LEU A 93 27.34 -9.24 -17.11
CA LEU A 93 28.12 -8.02 -17.28
C LEU A 93 28.70 -7.53 -15.94
N CYS A 94 27.86 -7.39 -14.91
CA CYS A 94 28.25 -6.89 -13.60
C CYS A 94 28.78 -7.95 -12.64
N SER A 95 28.87 -9.25 -13.06
CA SER A 95 29.33 -10.38 -12.24
C SER A 95 28.56 -10.41 -10.90
N LEU A 96 27.23 -10.33 -10.98
CA LEU A 96 26.35 -10.27 -9.82
C LEU A 96 26.39 -11.51 -8.92
N GLN A 97 26.80 -12.67 -9.46
CA GLN A 97 26.91 -13.92 -8.68
C GLN A 97 28.05 -13.89 -7.66
N GLU A 98 28.98 -12.95 -7.83
CA GLU A 98 30.09 -12.70 -6.91
C GLU A 98 29.62 -11.84 -5.74
N LYS A 99 28.71 -10.89 -6.00
CA LYS A 99 28.20 -9.89 -5.05
C LYS A 99 26.89 -10.30 -4.34
N PHE A 100 26.00 -11.01 -5.05
CA PHE A 100 24.69 -11.40 -4.53
C PHE A 100 24.57 -12.89 -4.28
N SER A 101 23.73 -13.25 -3.31
CA SER A 101 23.39 -14.64 -3.00
C SER A 101 22.44 -15.15 -4.09
N GLN A 102 22.22 -16.49 -4.13
CA GLN A 102 21.29 -17.10 -5.08
C GLN A 102 19.84 -16.65 -4.82
N THR A 103 19.46 -16.45 -3.53
CA THR A 103 18.16 -15.91 -3.12
C THR A 103 17.93 -14.52 -3.77
N ASP A 104 18.96 -13.66 -3.75
CA ASP A 104 18.91 -12.33 -4.36
C ASP A 104 18.73 -12.37 -5.88
N ILE A 105 19.48 -13.27 -6.55
CA ILE A 105 19.37 -13.50 -8.00
C ILE A 105 17.94 -13.98 -8.32
N LEU A 106 17.40 -14.93 -7.52
CA LEU A 106 16.05 -15.46 -7.66
C LEU A 106 15.00 -14.34 -7.56
N ILE A 107 15.15 -13.45 -6.56
CA ILE A 107 14.25 -12.31 -6.34
C ILE A 107 14.32 -11.37 -7.56
N LEU A 108 15.55 -11.04 -8.01
CA LEU A 108 15.78 -10.13 -9.13
C LEU A 108 15.13 -10.64 -10.41
N MET A 109 15.33 -11.93 -10.70
CA MET A 109 14.79 -12.59 -11.88
C MET A 109 13.29 -12.77 -11.83
N THR A 110 12.75 -13.27 -10.68
CA THR A 110 11.31 -13.50 -10.53
C THR A 110 10.53 -12.19 -10.53
N ALA A 111 11.05 -11.14 -9.87
CA ALA A 111 10.43 -9.82 -9.88
C ALA A 111 10.47 -9.21 -11.29
N ALA A 112 11.59 -9.37 -12.04
CA ALA A 112 11.69 -8.86 -13.42
C ALA A 112 10.60 -9.48 -14.32
N ILE A 113 10.36 -10.80 -14.17
CA ILE A 113 9.36 -11.54 -14.95
C ILE A 113 7.92 -11.14 -14.56
N CYS A 114 7.68 -10.94 -13.26
CA CYS A 114 6.36 -10.64 -12.71
C CYS A 114 5.96 -9.17 -12.62
N HIS A 115 6.92 -8.25 -12.74
CA HIS A 115 6.73 -6.81 -12.51
C HIS A 115 5.55 -6.08 -13.13
N ASP A 116 5.00 -6.57 -14.27
CA ASP A 116 3.90 -5.92 -14.99
C ASP A 116 2.69 -6.84 -15.26
N LEU A 117 2.53 -7.89 -14.44
CA LEU A 117 1.44 -8.84 -14.62
C LEU A 117 0.08 -8.20 -14.68
N ASP A 118 -0.69 -8.54 -15.72
CA ASP A 118 -2.05 -8.07 -15.95
C ASP A 118 -2.17 -6.54 -16.04
N HIS A 119 -1.20 -5.91 -16.69
CA HIS A 119 -1.20 -4.47 -16.87
C HIS A 119 -2.35 -4.11 -17.85
N PRO A 120 -3.24 -3.15 -17.53
CA PRO A 120 -4.37 -2.86 -18.43
C PRO A 120 -4.10 -1.92 -19.62
N GLY A 121 -2.94 -1.29 -19.67
CA GLY A 121 -2.58 -0.35 -20.73
C GLY A 121 -2.92 1.10 -20.44
N TYR A 122 -3.32 1.38 -19.17
CA TYR A 122 -3.65 2.72 -18.68
C TYR A 122 -2.89 2.86 -17.35
N ASN A 123 -2.05 3.90 -17.24
CA ASN A 123 -1.18 4.16 -16.08
C ASN A 123 -1.91 4.47 -14.75
N ASN A 124 -1.14 4.59 -13.64
CA ASN A 124 -1.68 4.88 -12.30
C ASN A 124 -2.46 6.18 -12.26
N THR A 125 -2.01 7.21 -13.03
CA THR A 125 -2.69 8.51 -13.10
C THR A 125 -4.10 8.31 -13.66
N TYR A 126 -4.25 7.45 -14.67
CA TYR A 126 -5.58 7.15 -15.19
C TYR A 126 -6.43 6.48 -14.10
N GLN A 127 -5.89 5.43 -13.47
CA GLN A 127 -6.56 4.68 -12.40
C GLN A 127 -7.11 5.58 -11.30
N ILE A 128 -6.25 6.50 -10.82
CA ILE A 128 -6.55 7.44 -9.75
C ILE A 128 -7.60 8.46 -10.16
N ASN A 129 -7.37 9.17 -11.28
CA ASN A 129 -8.27 10.19 -11.80
C ASN A 129 -9.64 9.63 -12.17
N ALA A 130 -9.67 8.41 -12.76
CA ALA A 130 -10.91 7.76 -13.14
C ALA A 130 -11.59 7.04 -11.99
N ARG A 131 -10.90 6.93 -10.83
CA ARG A 131 -11.38 6.29 -9.60
C ARG A 131 -11.82 4.87 -9.91
N THR A 132 -10.94 4.13 -10.61
CA THR A 132 -11.19 2.74 -11.03
C THR A 132 -11.25 1.79 -9.83
N GLU A 133 -11.67 0.54 -10.07
CA GLU A 133 -11.73 -0.46 -9.00
C GLU A 133 -10.36 -0.72 -8.39
N LEU A 134 -9.29 -0.64 -9.22
CA LEU A 134 -7.90 -0.82 -8.80
C LEU A 134 -7.45 0.31 -7.87
N ALA A 135 -7.75 1.57 -8.23
CA ALA A 135 -7.42 2.75 -7.41
C ALA A 135 -8.14 2.70 -6.07
N VAL A 136 -9.41 2.26 -6.08
CA VAL A 136 -10.26 2.14 -4.88
C VAL A 136 -9.73 1.01 -3.99
N ARG A 137 -9.35 -0.13 -4.60
CA ARG A 137 -8.78 -1.26 -3.89
C ARG A 137 -7.46 -0.90 -3.19
N TYR A 138 -6.57 -0.20 -3.92
CA TYR A 138 -5.25 0.16 -3.42
C TYR A 138 -5.08 1.52 -2.80
N ASN A 139 -6.20 2.24 -2.60
CA ASN A 139 -6.21 3.54 -1.92
C ASN A 139 -5.25 4.58 -2.55
N ASP A 140 -5.15 4.55 -3.91
CA ASP A 140 -4.28 5.41 -4.73
C ASP A 140 -2.79 5.18 -4.48
N ILE A 141 -2.42 4.10 -3.74
CA ILE A 141 -1.02 3.78 -3.47
C ILE A 141 -0.54 2.76 -4.50
N SER A 142 0.30 3.21 -5.46
CA SER A 142 0.87 2.41 -6.57
C SER A 142 -0.13 1.32 -6.96
N PRO A 143 -1.36 1.66 -7.43
CA PRO A 143 -2.35 0.61 -7.67
C PRO A 143 -1.92 -0.51 -8.61
N LEU A 144 -1.28 -0.15 -9.74
CA LEU A 144 -0.82 -1.11 -10.73
C LEU A 144 0.23 -2.05 -10.18
N GLU A 145 1.28 -1.49 -9.55
CA GLU A 145 2.39 -2.27 -9.01
C GLU A 145 1.93 -3.23 -7.93
N ASN A 146 1.00 -2.79 -7.08
CA ASN A 146 0.41 -3.62 -6.04
C ASN A 146 -0.36 -4.81 -6.66
N HIS A 147 -1.09 -4.53 -7.76
CA HIS A 147 -1.83 -5.53 -8.53
C HIS A 147 -0.87 -6.53 -9.19
N HIS A 148 0.20 -6.05 -9.89
CA HIS A 148 1.18 -6.93 -10.56
C HIS A 148 1.71 -7.95 -9.56
N CYS A 149 2.01 -7.48 -8.35
CA CYS A 149 2.47 -8.22 -7.19
C CYS A 149 1.47 -9.28 -6.72
N ALA A 150 0.22 -8.86 -6.54
CA ALA A 150 -0.85 -9.72 -6.07
C ALA A 150 -1.08 -10.86 -7.07
N VAL A 151 -1.09 -10.53 -8.38
CA VAL A 151 -1.25 -11.49 -9.46
C VAL A 151 -0.08 -12.48 -9.45
N ALA A 152 1.15 -11.99 -9.22
CA ALA A 152 2.36 -12.83 -9.12
C ALA A 152 2.20 -13.92 -8.06
N PHE A 153 1.71 -13.53 -6.87
CA PHE A 153 1.52 -14.43 -5.75
C PHE A 153 0.30 -15.31 -5.82
N GLN A 154 -0.67 -14.90 -6.66
CA GLN A 154 -1.88 -15.69 -6.96
C GLN A 154 -1.49 -16.85 -7.86
N ILE A 155 -0.58 -16.60 -8.85
CA ILE A 155 -0.06 -17.61 -9.78
C ILE A 155 0.77 -18.63 -8.97
N LEU A 156 1.70 -18.14 -8.12
CA LEU A 156 2.55 -18.99 -7.28
C LEU A 156 1.77 -19.80 -6.26
N ALA A 157 0.51 -19.42 -5.95
CA ALA A 157 -0.33 -20.15 -5.01
C ALA A 157 -0.98 -21.38 -5.67
N GLU A 158 -1.01 -21.41 -7.02
CA GLU A 158 -1.52 -22.57 -7.76
C GLU A 158 -0.43 -23.65 -7.68
N PRO A 159 -0.73 -24.84 -7.10
CA PRO A 159 0.31 -25.86 -6.86
C PRO A 159 1.17 -26.29 -8.06
N GLU A 160 0.58 -26.34 -9.27
CA GLU A 160 1.31 -26.73 -10.48
C GLU A 160 2.22 -25.60 -11.00
N CYS A 161 2.10 -24.38 -10.44
CA CYS A 161 2.90 -23.20 -10.80
C CYS A 161 3.87 -22.77 -9.71
N ASN A 162 3.77 -23.42 -8.54
CA ASN A 162 4.61 -23.04 -7.42
C ASN A 162 6.06 -23.45 -7.55
N ILE A 163 6.87 -22.58 -8.18
CA ILE A 163 8.32 -22.80 -8.35
C ILE A 163 9.07 -22.76 -7.02
N PHE A 164 8.40 -22.27 -5.95
CA PHE A 164 8.96 -22.15 -4.60
C PHE A 164 8.49 -23.24 -3.64
N SER A 165 7.82 -24.29 -4.15
CA SER A 165 7.26 -25.37 -3.35
C SER A 165 8.26 -26.16 -2.52
N ASN A 166 9.53 -26.23 -2.97
CA ASN A 166 10.59 -26.95 -2.28
C ASN A 166 11.50 -26.05 -1.46
N ILE A 167 11.12 -24.78 -1.32
CA ILE A 167 11.86 -23.81 -0.53
C ILE A 167 11.26 -23.79 0.89
N PRO A 168 12.09 -23.87 1.97
CA PRO A 168 11.52 -23.80 3.34
C PRO A 168 10.71 -22.51 3.59
N PRO A 169 9.75 -22.49 4.54
CA PRO A 169 8.92 -21.27 4.75
C PRO A 169 9.68 -19.96 4.97
N ASP A 170 10.81 -20.00 5.69
CA ASP A 170 11.64 -18.82 5.98
C ASP A 170 12.25 -18.26 4.71
N GLY A 171 12.64 -19.14 3.79
CA GLY A 171 13.16 -18.78 2.48
C GLY A 171 12.09 -18.16 1.63
N PHE A 172 10.87 -18.75 1.62
CA PHE A 172 9.72 -18.23 0.87
C PHE A 172 9.41 -16.78 1.32
N LYS A 173 9.29 -16.55 2.64
CA LYS A 173 8.98 -15.24 3.21
C LYS A 173 10.03 -14.19 2.80
N GLN A 174 11.32 -14.60 2.77
CA GLN A 174 12.45 -13.76 2.36
C GLN A 174 12.31 -13.36 0.89
N ILE A 175 11.98 -14.33 0.01
CA ILE A 175 11.79 -14.12 -1.43
C ILE A 175 10.57 -13.25 -1.69
N ARG A 176 9.44 -13.57 -1.01
CA ARG A 176 8.19 -12.82 -1.09
C ARG A 176 8.38 -11.33 -0.75
N GLN A 177 9.04 -11.05 0.39
CA GLN A 177 9.34 -9.68 0.83
C GLN A 177 10.21 -8.92 -0.20
N GLY A 178 11.26 -9.57 -0.70
CA GLY A 178 12.16 -9.00 -1.68
C GLY A 178 11.46 -8.69 -2.99
N MET A 179 10.62 -9.63 -3.47
CA MET A 179 9.87 -9.45 -4.72
C MET A 179 8.88 -8.30 -4.60
N ILE A 180 8.20 -8.17 -3.43
CA ILE A 180 7.24 -7.10 -3.19
C ILE A 180 7.97 -5.75 -3.26
N THR A 181 9.11 -5.62 -2.56
CA THR A 181 9.92 -4.40 -2.58
C THR A 181 10.31 -4.03 -4.01
N LEU A 182 10.80 -5.01 -4.81
CA LEU A 182 11.26 -4.77 -6.18
C LEU A 182 10.15 -4.36 -7.15
N ILE A 183 9.03 -5.11 -7.18
CA ILE A 183 7.89 -4.79 -8.03
C ILE A 183 7.33 -3.40 -7.69
N LEU A 184 7.20 -3.08 -6.39
CA LEU A 184 6.69 -1.77 -5.96
C LEU A 184 7.65 -0.63 -6.33
N ALA A 185 8.94 -0.94 -6.41
CA ALA A 185 9.99 0.03 -6.75
C ALA A 185 9.96 0.45 -8.22
N THR A 186 9.22 -0.30 -9.07
CA THR A 186 9.10 0.00 -10.50
C THR A 186 8.17 1.16 -10.80
N ASP A 187 7.41 1.66 -9.79
CA ASP A 187 6.55 2.82 -9.93
C ASP A 187 7.43 4.07 -10.11
N MET A 188 7.37 4.67 -11.33
CA MET A 188 8.14 5.86 -11.67
C MET A 188 7.85 7.09 -10.84
N ALA A 189 6.70 7.13 -10.14
CA ALA A 189 6.36 8.24 -9.26
C ALA A 189 7.35 8.32 -8.08
N ARG A 190 8.06 7.21 -7.81
CA ARG A 190 9.03 7.06 -6.73
C ARG A 190 10.48 7.18 -7.21
N HIS A 191 10.71 7.39 -8.52
CA HIS A 191 12.04 7.48 -9.11
C HIS A 191 13.04 8.38 -8.36
N ALA A 192 12.73 9.68 -8.19
CA ALA A 192 13.59 10.65 -7.51
C ALA A 192 13.92 10.24 -6.06
N GLU A 193 12.90 9.77 -5.30
CA GLU A 193 13.00 9.27 -3.92
C GLU A 193 14.02 8.09 -3.85
N ILE A 194 13.84 7.06 -4.73
CA ILE A 194 14.72 5.89 -4.81
C ILE A 194 16.15 6.29 -5.26
N MET A 195 16.26 7.14 -6.28
CA MET A 195 17.55 7.65 -6.76
C MET A 195 18.32 8.37 -5.65
N ASP A 196 17.63 9.25 -4.88
CA ASP A 196 18.20 9.98 -3.76
C ASP A 196 18.68 9.05 -2.66
N SER A 197 17.87 8.04 -2.29
CA SER A 197 18.25 7.06 -1.25
C SER A 197 19.48 6.26 -1.69
N PHE A 198 19.53 5.83 -2.95
CA PHE A 198 20.67 5.07 -3.47
C PHE A 198 21.96 5.89 -3.46
N LYS A 199 21.91 7.13 -3.99
CA LYS A 199 23.05 8.06 -4.05
C LYS A 199 23.60 8.37 -2.65
N GLU A 200 22.71 8.39 -1.64
CA GLU A 200 23.03 8.61 -0.24
C GLU A 200 23.87 7.42 0.27
N LYS A 201 23.49 6.18 -0.12
CA LYS A 201 24.21 4.96 0.24
C LYS A 201 25.52 4.86 -0.57
N MET A 202 25.53 5.43 -1.79
CA MET A 202 26.67 5.45 -2.70
C MET A 202 27.83 6.34 -2.23
N GLU A 203 27.58 7.18 -1.20
CA GLU A 203 28.57 8.01 -0.56
C GLU A 203 29.66 7.13 0.13
N ASN A 204 29.27 5.91 0.55
CA ASN A 204 30.11 4.88 1.19
C ASN A 204 29.35 3.53 1.13
N PHE A 205 29.26 2.95 -0.09
CA PHE A 205 28.53 1.71 -0.34
C PHE A 205 29.11 0.49 0.37
N ASP A 206 28.22 -0.36 0.93
CA ASP A 206 28.58 -1.57 1.66
C ASP A 206 27.78 -2.77 1.16
N TYR A 207 28.45 -3.75 0.52
CA TYR A 207 27.80 -4.96 -0.01
C TYR A 207 27.29 -5.90 1.08
N SER A 208 27.76 -5.71 2.32
CA SER A 208 27.31 -6.52 3.44
C SER A 208 26.17 -5.83 4.23
N ASN A 209 25.77 -4.62 3.80
CA ASN A 209 24.66 -3.88 4.41
C ASN A 209 23.39 -4.20 3.61
N GLU A 210 22.42 -4.87 4.28
CA GLU A 210 21.12 -5.28 3.71
C GLU A 210 20.34 -4.12 3.09
N GLU A 211 20.36 -2.94 3.75
CA GLU A 211 19.68 -1.72 3.28
C GLU A 211 20.27 -1.24 1.97
N HIS A 212 21.63 -1.28 1.86
CA HIS A 212 22.37 -0.87 0.68
C HIS A 212 22.03 -1.80 -0.49
N MET A 213 21.99 -3.13 -0.21
CA MET A 213 21.70 -4.17 -1.18
C MET A 213 20.27 -4.15 -1.69
N THR A 214 19.31 -3.80 -0.81
CA THR A 214 17.89 -3.64 -1.15
C THR A 214 17.78 -2.50 -2.16
N LEU A 215 18.43 -1.35 -1.88
CA LEU A 215 18.44 -0.19 -2.76
C LEU A 215 19.12 -0.48 -4.09
N LEU A 216 20.24 -1.25 -4.07
CA LEU A 216 20.91 -1.66 -5.30
C LEU A 216 19.99 -2.58 -6.14
N LYS A 217 19.30 -3.54 -5.51
CA LYS A 217 18.36 -4.42 -6.20
C LYS A 217 17.19 -3.64 -6.81
N MET A 218 16.70 -2.60 -6.10
CA MET A 218 15.62 -1.69 -6.57
C MET A 218 16.13 -0.94 -7.82
N ILE A 219 17.36 -0.41 -7.76
CA ILE A 219 17.98 0.30 -8.87
C ILE A 219 18.19 -0.64 -10.06
N LEU A 220 18.61 -1.90 -9.80
CA LEU A 220 18.79 -2.88 -10.87
C LEU A 220 17.50 -3.20 -11.60
N ILE A 221 16.39 -3.45 -10.86
CA ILE A 221 15.10 -3.72 -11.49
C ILE A 221 14.55 -2.50 -12.26
N LYS A 222 14.81 -1.28 -11.75
CA LYS A 222 14.43 -0.01 -12.36
C LYS A 222 15.23 0.16 -13.65
N CYS A 223 16.55 -0.13 -13.61
CA CYS A 223 17.43 -0.08 -14.78
C CYS A 223 16.90 -0.95 -15.90
N CYS A 224 16.60 -2.21 -15.59
CA CYS A 224 16.09 -3.20 -16.54
C CYS A 224 14.73 -2.83 -17.13
N ASP A 225 13.83 -2.29 -16.30
CA ASP A 225 12.48 -1.92 -16.69
C ASP A 225 12.45 -0.84 -17.77
N ILE A 226 13.25 0.22 -17.62
CA ILE A 226 13.27 1.35 -18.57
C ILE A 226 14.47 1.33 -19.55
N SER A 227 15.13 0.17 -19.64
CA SER A 227 16.35 -0.10 -20.41
C SER A 227 16.26 -0.20 -21.93
N ASN A 228 15.08 -0.01 -22.56
CA ASN A 228 14.97 -0.19 -24.02
C ASN A 228 16.02 0.56 -24.80
N GLU A 229 16.26 1.85 -24.47
CA GLU A 229 17.25 2.68 -25.15
C GLU A 229 18.75 2.22 -25.05
N VAL A 230 19.05 1.23 -24.18
CA VAL A 230 20.40 0.63 -24.02
C VAL A 230 20.64 -0.35 -25.18
N ARG A 231 19.55 -0.96 -25.69
CA ARG A 231 19.57 -1.91 -26.78
C ARG A 231 19.96 -1.25 -28.13
N PRO A 232 20.46 -2.03 -29.13
CA PRO A 232 20.78 -1.43 -30.45
C PRO A 232 19.57 -0.69 -31.02
N MET A 233 19.84 0.44 -31.72
CA MET A 233 18.83 1.32 -32.30
C MET A 233 17.65 0.59 -32.96
N GLU A 234 17.93 -0.43 -33.78
CA GLU A 234 16.92 -1.21 -34.51
C GLU A 234 15.98 -1.98 -33.58
N VAL A 235 16.49 -2.38 -32.40
CA VAL A 235 15.76 -3.11 -31.37
C VAL A 235 15.01 -2.12 -30.46
N ALA A 236 15.67 -1.02 -30.05
CA ALA A 236 15.15 -0.02 -29.13
C ALA A 236 14.02 0.84 -29.66
N GLU A 237 14.21 1.38 -30.89
CA GLU A 237 13.29 2.29 -31.53
C GLU A 237 11.83 1.84 -31.61
N PRO A 238 11.49 0.60 -32.05
CA PRO A 238 10.06 0.24 -32.13
C PRO A 238 9.30 0.30 -30.82
N TRP A 239 9.98 0.18 -29.66
CA TRP A 239 9.36 0.24 -28.33
C TRP A 239 8.78 1.61 -28.00
N VAL A 240 9.40 2.71 -28.49
CA VAL A 240 8.87 4.05 -28.22
C VAL A 240 7.46 4.20 -28.82
N ASP A 241 7.28 3.77 -30.08
CA ASP A 241 6.01 3.80 -30.83
C ASP A 241 4.95 2.98 -30.16
N CYS A 242 5.34 1.83 -29.57
CA CYS A 242 4.46 0.93 -28.81
C CYS A 242 3.93 1.63 -27.58
N LEU A 243 4.82 2.31 -26.83
CA LEU A 243 4.45 3.05 -25.63
C LEU A 243 3.56 4.22 -25.98
N LEU A 244 3.91 4.96 -27.06
CA LEU A 244 3.10 6.09 -27.53
C LEU A 244 1.70 5.66 -27.96
N GLU A 245 1.57 4.46 -28.53
CA GLU A 245 0.30 3.85 -28.95
C GLU A 245 -0.60 3.65 -27.71
N GLU A 246 -0.01 3.21 -26.59
CA GLU A 246 -0.68 3.00 -25.31
C GLU A 246 -1.07 4.34 -24.68
N TYR A 247 -0.13 5.29 -24.67
CA TYR A 247 -0.31 6.63 -24.13
C TYR A 247 -1.42 7.38 -24.87
N PHE A 248 -1.47 7.26 -26.22
CA PHE A 248 -2.50 7.93 -27.03
C PHE A 248 -3.90 7.35 -26.80
N MET A 249 -3.99 6.03 -26.52
CA MET A 249 -5.22 5.33 -26.16
C MET A 249 -5.77 5.92 -24.85
N GLN A 250 -4.87 6.19 -23.88
CA GLN A 250 -5.17 6.74 -22.57
C GLN A 250 -5.65 8.19 -22.66
N SER A 251 -4.87 9.07 -23.33
CA SER A 251 -5.20 10.49 -23.50
C SER A 251 -6.54 10.72 -24.24
N ASP A 252 -6.84 9.86 -25.25
CA ASP A 252 -8.09 9.88 -26.02
C ASP A 252 -9.25 9.57 -25.09
N ARG A 253 -9.10 8.54 -24.24
CA ARG A 253 -10.08 8.11 -23.24
C ARG A 253 -10.28 9.21 -22.19
N GLU A 254 -9.18 9.83 -21.72
CA GLU A 254 -9.20 10.91 -20.73
C GLU A 254 -9.96 12.14 -21.26
N LYS A 255 -9.76 12.46 -22.56
CA LYS A 255 -10.45 13.58 -23.24
C LYS A 255 -11.95 13.28 -23.26
N SER A 256 -12.31 12.06 -23.71
CA SER A 256 -13.67 11.54 -23.79
C SER A 256 -14.38 11.51 -22.42
N GLU A 257 -13.67 11.16 -21.35
CA GLU A 257 -14.21 11.06 -19.99
C GLU A 257 -14.09 12.37 -19.18
N GLY A 258 -13.49 13.40 -19.76
CA GLY A 258 -13.32 14.71 -19.15
C GLY A 258 -12.29 14.75 -18.03
N LEU A 259 -11.28 13.89 -18.14
CA LEU A 259 -10.21 13.75 -17.16
C LEU A 259 -8.94 14.52 -17.59
N PRO A 260 -8.05 14.92 -16.66
CA PRO A 260 -6.80 15.60 -17.06
C PRO A 260 -5.95 14.74 -18.00
N VAL A 261 -5.33 15.39 -19.01
CA VAL A 261 -4.46 14.75 -20.01
C VAL A 261 -3.03 15.25 -19.76
N ALA A 262 -2.07 14.31 -19.69
CA ALA A 262 -0.66 14.64 -19.48
C ALA A 262 -0.08 15.13 -20.83
N PRO A 263 0.70 16.24 -20.85
CA PRO A 263 1.28 16.73 -22.12
C PRO A 263 2.08 15.71 -22.93
N PHE A 264 2.80 14.79 -22.26
CA PHE A 264 3.61 13.75 -22.92
C PHE A 264 2.77 12.64 -23.56
N MET A 265 1.44 12.74 -23.39
CA MET A 265 0.44 11.82 -23.95
C MET A 265 -0.44 12.54 -24.98
N ASP A 266 -0.28 13.89 -25.09
CA ASP A 266 -1.01 14.72 -26.06
C ASP A 266 -0.32 14.59 -27.42
N ARG A 267 -1.07 14.05 -28.42
CA ARG A 267 -0.63 13.81 -29.81
C ARG A 267 -0.04 15.06 -30.47
N ASP A 268 -0.53 16.25 -30.07
CA ASP A 268 -0.11 17.55 -30.60
C ASP A 268 1.03 18.21 -29.81
N LYS A 269 1.38 17.67 -28.63
CA LYS A 269 2.45 18.23 -27.79
C LYS A 269 3.70 17.35 -27.78
N VAL A 270 3.51 16.01 -27.77
CA VAL A 270 4.61 15.05 -27.71
C VAL A 270 5.16 14.63 -29.06
N THR A 271 6.49 14.55 -29.14
CA THR A 271 7.20 13.99 -30.28
C THR A 271 8.14 12.96 -29.70
N LYS A 272 8.22 11.82 -30.37
CA LYS A 272 9.11 10.70 -30.08
C LYS A 272 10.54 11.18 -29.70
N ALA A 273 11.16 12.03 -30.57
CA ALA A 273 12.51 12.57 -30.39
C ALA A 273 12.66 13.42 -29.13
N THR A 274 11.80 14.43 -28.93
CA THR A 274 11.84 15.31 -27.77
C THR A 274 11.54 14.55 -26.49
N ALA A 275 10.60 13.59 -26.54
CA ALA A 275 10.28 12.73 -25.40
C ALA A 275 11.51 11.86 -25.03
N GLN A 276 12.19 11.27 -26.02
CA GLN A 276 13.36 10.43 -25.79
C GLN A 276 14.62 11.16 -25.38
N ILE A 277 14.88 12.35 -25.94
CA ILE A 277 16.04 13.16 -25.57
C ILE A 277 16.01 13.41 -24.06
N GLY A 278 14.88 13.92 -23.57
CA GLY A 278 14.68 14.25 -22.16
C GLY A 278 14.81 13.04 -21.27
N PHE A 279 14.13 11.94 -21.65
CA PHE A 279 14.13 10.70 -20.89
C PHE A 279 15.54 10.09 -20.79
N ILE A 280 16.30 10.12 -21.91
CA ILE A 280 17.67 9.59 -21.96
C ILE A 280 18.62 10.46 -21.11
N LYS A 281 18.58 11.78 -21.31
CA LYS A 281 19.41 12.76 -20.62
C LYS A 281 19.18 12.87 -19.13
N PHE A 282 17.91 12.93 -18.70
CA PHE A 282 17.56 13.19 -17.31
C PHE A 282 17.11 12.02 -16.46
N VAL A 283 16.73 10.89 -17.10
CA VAL A 283 16.30 9.70 -16.35
C VAL A 283 17.34 8.59 -16.52
N LEU A 284 17.53 8.12 -17.76
CA LEU A 284 18.42 7.01 -18.11
C LEU A 284 19.89 7.20 -17.84
N ILE A 285 20.52 8.20 -18.47
CA ILE A 285 21.95 8.47 -18.28
C ILE A 285 22.32 8.69 -16.78
N PRO A 286 21.64 9.59 -16.03
CA PRO A 286 21.99 9.75 -14.60
C PRO A 286 21.89 8.47 -13.77
N MET A 287 20.85 7.63 -14.04
CA MET A 287 20.67 6.37 -13.34
C MET A 287 21.83 5.40 -13.62
N PHE A 288 22.18 5.21 -14.90
CA PHE A 288 23.29 4.34 -15.28
C PHE A 288 24.65 4.88 -14.86
N GLU A 289 24.78 6.21 -14.69
CA GLU A 289 25.99 6.85 -14.18
C GLU A 289 26.28 6.45 -12.73
N THR A 290 25.23 6.36 -11.88
CA THR A 290 25.38 5.96 -10.47
C THR A 290 25.80 4.50 -10.33
N VAL A 291 25.28 3.62 -11.21
CA VAL A 291 25.57 2.18 -11.25
C VAL A 291 27.03 1.96 -11.68
N THR A 292 27.52 2.78 -12.64
CA THR A 292 28.87 2.73 -13.20
C THR A 292 29.95 2.91 -12.13
N LYS A 293 29.62 3.65 -11.06
CA LYS A 293 30.51 3.84 -9.91
C LYS A 293 30.81 2.50 -9.21
N LEU A 294 29.81 1.58 -9.19
CA LEU A 294 29.91 0.22 -8.63
C LEU A 294 30.39 -0.79 -9.64
N PHE A 295 29.91 -0.67 -10.89
CA PHE A 295 30.22 -1.58 -12.00
C PHE A 295 30.79 -0.80 -13.17
N PRO A 296 32.13 -0.61 -13.24
CA PRO A 296 32.73 0.21 -14.32
C PRO A 296 32.47 -0.23 -15.75
N MET A 297 32.18 -1.52 -15.96
CA MET A 297 31.88 -2.11 -17.26
C MET A 297 30.54 -1.64 -17.88
N VAL A 298 29.64 -1.04 -17.07
CA VAL A 298 28.34 -0.51 -17.48
C VAL A 298 28.49 0.73 -18.41
N GLU A 299 29.61 1.49 -18.30
CA GLU A 299 29.84 2.65 -19.16
C GLU A 299 29.94 2.28 -20.65
N GLU A 300 30.80 1.31 -20.97
CA GLU A 300 31.04 0.88 -22.34
C GLU A 300 29.86 0.12 -22.94
N ILE A 301 29.17 -0.68 -22.13
CA ILE A 301 28.09 -1.55 -22.59
C ILE A 301 26.71 -0.89 -22.57
N MET A 302 26.47 0.01 -21.60
CA MET A 302 25.15 0.64 -21.44
C MET A 302 25.09 2.15 -21.60
N LEU A 303 26.10 2.90 -21.14
CA LEU A 303 26.11 4.35 -21.33
C LEU A 303 26.40 4.76 -22.78
N GLN A 304 27.34 4.07 -23.46
CA GLN A 304 27.68 4.32 -24.85
C GLN A 304 26.46 4.23 -25.78
N PRO A 305 25.64 3.14 -25.75
CA PRO A 305 24.41 3.13 -26.58
C PRO A 305 23.43 4.26 -26.25
N LEU A 306 23.38 4.69 -24.97
CA LEU A 306 22.52 5.78 -24.53
C LEU A 306 23.00 7.11 -25.10
N TRP A 307 24.33 7.33 -25.18
CA TRP A 307 24.91 8.56 -25.75
C TRP A 307 24.62 8.62 -27.24
N GLU A 308 24.74 7.46 -27.93
CA GLU A 308 24.48 7.33 -29.37
C GLU A 308 22.99 7.60 -29.67
N SER A 309 22.11 7.07 -28.82
CA SER A 309 20.67 7.24 -28.94
C SER A 309 20.28 8.70 -28.78
N ARG A 310 20.78 9.37 -27.72
CA ARG A 310 20.56 10.78 -27.42
C ARG A 310 20.99 11.64 -28.64
N ASP A 311 22.16 11.33 -29.24
CA ASP A 311 22.67 12.07 -30.39
C ASP A 311 21.85 11.86 -31.67
N ARG A 312 21.29 10.66 -31.85
CA ARG A 312 20.44 10.30 -33.00
C ARG A 312 19.06 10.98 -32.87
N TYR A 313 18.45 10.97 -31.67
CA TYR A 313 17.17 11.66 -31.46
C TYR A 313 17.30 13.19 -31.62
N GLU A 314 18.48 13.77 -31.29
CA GLU A 314 18.76 15.20 -31.49
C GLU A 314 18.74 15.52 -32.99
N GLU A 315 19.29 14.61 -33.81
CA GLU A 315 19.30 14.68 -35.28
C GLU A 315 17.86 14.57 -35.80
N LEU A 316 17.11 13.55 -35.35
CA LEU A 316 15.71 13.33 -35.72
C LEU A 316 14.82 14.51 -35.35
N LYS A 317 15.06 15.15 -34.20
CA LYS A 317 14.32 16.32 -33.73
C LYS A 317 14.42 17.50 -34.69
N ARG A 318 15.65 17.80 -35.18
CA ARG A 318 15.91 18.88 -36.14
C ARG A 318 15.02 18.70 -37.39
N ILE A 319 15.01 17.48 -37.95
CA ILE A 319 14.22 17.14 -39.12
C ILE A 319 12.70 17.10 -38.84
N ASP A 320 12.30 16.48 -37.72
CA ASP A 320 10.90 16.32 -37.27
C ASP A 320 10.23 17.67 -37.00
N ASP A 321 10.94 18.59 -36.31
CA ASP A 321 10.44 19.92 -35.99
C ASP A 321 10.22 20.72 -37.25
N ALA A 322 11.20 20.68 -38.19
CA ALA A 322 11.11 21.38 -39.48
C ALA A 322 9.96 20.83 -40.33
N MET A 323 9.79 19.49 -40.34
CA MET A 323 8.74 18.78 -41.06
C MET A 323 7.37 19.18 -40.51
N LYS A 324 7.21 19.13 -39.17
CA LYS A 324 5.98 19.48 -38.46
C LYS A 324 5.58 20.95 -38.60
N GLU A 325 6.56 21.83 -38.88
CA GLU A 325 6.33 23.26 -39.10
C GLU A 325 5.71 23.52 -40.46
N LEU A 326 6.03 22.66 -41.47
CA LEU A 326 5.47 22.75 -42.83
C LEU A 326 4.01 22.31 -42.80
N GLN A 327 3.67 21.37 -41.90
CA GLN A 327 2.34 20.81 -41.68
C GLN A 327 1.33 21.84 -41.10
N LYS A 328 1.75 23.13 -40.97
CA LYS A 328 0.94 24.22 -40.43
C LYS A 328 1.30 25.53 -41.14
N GLY B 1 -38.22 14.52 29.66
CA GLY B 1 -38.64 15.84 30.12
C GLY B 1 -39.52 16.60 29.14
N SER B 2 -40.20 15.87 28.22
CA SER B 2 -41.09 16.43 27.18
C SER B 2 -42.57 16.08 27.41
N HIS B 3 -43.49 16.92 26.86
CA HIS B 3 -44.95 16.79 26.98
C HIS B 3 -45.55 15.49 26.43
N MET B 4 -44.81 14.83 25.51
CA MET B 4 -45.21 13.56 24.89
C MET B 4 -43.97 12.70 24.67
N THR B 5 -44.18 11.40 24.42
CA THR B 5 -43.10 10.45 24.16
C THR B 5 -42.75 10.48 22.66
N TYR B 6 -41.45 10.53 22.36
CA TYR B 6 -40.93 10.52 20.99
C TYR B 6 -40.19 9.20 20.76
N PRO B 7 -40.23 8.60 19.55
CA PRO B 7 -39.48 7.35 19.32
C PRO B 7 -37.97 7.49 19.57
N LYS B 8 -37.31 6.35 19.92
CA LYS B 8 -35.89 6.24 20.27
C LYS B 8 -34.92 6.94 19.32
N TYR B 9 -35.17 6.84 17.99
CA TYR B 9 -34.36 7.47 16.93
C TYR B 9 -34.42 9.01 16.92
N LEU B 10 -35.39 9.61 17.65
CA LEU B 10 -35.48 11.05 17.84
C LEU B 10 -34.78 11.30 19.17
N LEU B 11 -33.51 11.72 19.09
CA LEU B 11 -32.67 11.94 20.27
C LEU B 11 -33.22 13.02 21.18
N SER B 12 -33.24 12.75 22.49
CA SER B 12 -33.71 13.71 23.48
C SER B 12 -32.68 14.86 23.64
N PRO B 13 -33.11 16.08 24.06
CA PRO B 13 -32.13 17.17 24.27
C PRO B 13 -30.97 16.81 25.21
N GLU B 14 -31.22 15.92 26.18
CA GLU B 14 -30.27 15.42 27.17
C GLU B 14 -29.21 14.54 26.51
N THR B 15 -29.64 13.66 25.57
CA THR B 15 -28.73 12.78 24.80
C THR B 15 -27.78 13.63 23.96
N ILE B 16 -28.32 14.63 23.22
CA ILE B 16 -27.60 15.57 22.35
C ILE B 16 -26.46 16.26 23.11
N GLU B 17 -26.75 16.69 24.33
CA GLU B 17 -25.85 17.34 25.26
C GLU B 17 -24.76 16.37 25.76
N ALA B 18 -25.17 15.18 26.24
CA ALA B 18 -24.29 14.15 26.78
C ALA B 18 -23.32 13.58 25.72
N LEU B 19 -23.76 13.58 24.44
CA LEU B 19 -23.03 13.09 23.27
C LEU B 19 -21.69 13.80 23.04
N ARG B 20 -21.56 15.03 23.57
CA ARG B 20 -20.39 15.89 23.43
C ARG B 20 -19.25 15.57 24.40
N LYS B 21 -19.50 14.68 25.37
CA LYS B 21 -18.56 14.35 26.42
C LYS B 21 -18.06 12.90 26.37
N PRO B 22 -16.82 12.62 26.85
CA PRO B 22 -16.29 11.23 26.82
C PRO B 22 -16.91 10.28 27.86
N THR B 23 -17.83 10.81 28.68
CA THR B 23 -18.55 10.06 29.72
C THR B 23 -19.79 9.36 29.15
N PHE B 24 -20.13 9.65 27.87
CA PHE B 24 -21.29 9.09 27.18
C PHE B 24 -21.31 7.55 27.26
N ASP B 25 -22.41 6.98 27.79
CA ASP B 25 -22.50 5.53 27.89
C ASP B 25 -22.91 4.95 26.54
N VAL B 26 -21.93 4.43 25.83
CA VAL B 26 -22.06 3.82 24.51
C VAL B 26 -22.89 2.53 24.49
N TRP B 27 -23.10 1.90 25.65
CA TRP B 27 -23.82 0.64 25.80
C TRP B 27 -25.35 0.77 25.83
N LEU B 28 -25.87 1.94 26.19
CA LEU B 28 -27.30 2.19 26.33
C LEU B 28 -28.09 2.24 25.02
N TRP B 29 -27.41 2.31 23.89
CA TRP B 29 -28.03 2.55 22.59
C TRP B 29 -28.08 1.41 21.63
N GLU B 30 -29.23 1.34 20.91
CA GLU B 30 -29.50 0.40 19.83
C GLU B 30 -28.86 0.95 18.55
N PRO B 31 -28.58 0.13 17.50
CA PRO B 31 -27.95 0.67 16.28
C PRO B 31 -28.62 1.92 15.68
N ASN B 32 -29.98 1.95 15.64
CA ASN B 32 -30.74 3.08 15.11
C ASN B 32 -30.53 4.38 15.91
N GLU B 33 -30.35 4.28 17.24
CA GLU B 33 -30.08 5.43 18.10
C GLU B 33 -28.64 5.93 17.85
N MET B 34 -27.69 4.99 17.65
CA MET B 34 -26.28 5.32 17.36
C MET B 34 -26.19 5.98 15.99
N LEU B 35 -27.00 5.50 15.01
CA LEU B 35 -27.09 6.08 13.65
C LEU B 35 -27.59 7.52 13.72
N SER B 36 -28.60 7.78 14.58
CA SER B 36 -29.13 9.13 14.79
C SER B 36 -28.09 10.03 15.44
N CYS B 37 -27.27 9.48 16.36
CA CYS B 37 -26.18 10.19 17.06
C CYS B 37 -25.13 10.65 16.05
N LEU B 38 -24.71 9.73 15.15
CA LEU B 38 -23.71 10.03 14.13
C LEU B 38 -24.18 11.11 13.16
N GLU B 39 -25.45 11.02 12.73
CA GLU B 39 -26.15 11.98 11.86
C GLU B 39 -26.15 13.36 12.49
N HIS B 40 -26.49 13.43 13.80
CA HIS B 40 -26.51 14.70 14.55
C HIS B 40 -25.14 15.38 14.53
N MET B 41 -24.05 14.58 14.70
CA MET B 41 -22.67 15.04 14.70
C MET B 41 -22.33 15.79 13.40
N TYR B 42 -22.75 15.25 12.25
CA TYR B 42 -22.49 15.87 10.94
C TYR B 42 -23.21 17.21 10.77
N HIS B 43 -24.45 17.31 11.27
CA HIS B 43 -25.23 18.53 11.22
C HIS B 43 -24.65 19.54 12.22
N ASP B 44 -24.43 19.11 13.47
CA ASP B 44 -23.91 19.93 14.56
C ASP B 44 -22.53 20.53 14.32
N LEU B 45 -21.63 19.78 13.66
CA LEU B 45 -20.27 20.25 13.34
C LEU B 45 -20.22 21.19 12.13
N GLY B 46 -21.38 21.40 11.49
CA GLY B 46 -21.52 22.23 10.30
C GLY B 46 -21.07 21.56 9.03
N LEU B 47 -20.91 20.22 9.07
CA LEU B 47 -20.42 19.45 7.92
C LEU B 47 -21.46 19.33 6.82
N VAL B 48 -22.74 19.17 7.19
CA VAL B 48 -23.86 19.12 6.24
C VAL B 48 -23.95 20.48 5.52
N ARG B 49 -23.83 21.57 6.30
CA ARG B 49 -23.85 22.94 5.79
C ARG B 49 -22.66 23.24 4.87
N ASP B 50 -21.43 23.06 5.37
CA ASP B 50 -20.22 23.41 4.63
C ASP B 50 -19.86 22.57 3.43
N PHE B 51 -20.34 21.32 3.37
CA PHE B 51 -20.05 20.42 2.26
C PHE B 51 -21.26 20.07 1.42
N SER B 52 -22.39 20.79 1.67
CA SER B 52 -23.67 20.62 0.96
C SER B 52 -24.09 19.17 0.88
N ILE B 53 -23.96 18.45 2.02
CA ILE B 53 -24.30 17.03 2.11
C ILE B 53 -25.82 16.95 2.07
N ASN B 54 -26.36 16.10 1.17
CA ASN B 54 -27.80 15.90 1.11
C ASN B 54 -28.20 15.14 2.39
N PRO B 55 -29.11 15.71 3.23
CA PRO B 55 -29.47 15.05 4.50
C PRO B 55 -29.94 13.59 4.38
N VAL B 56 -30.62 13.22 3.29
CA VAL B 56 -31.08 11.84 3.09
C VAL B 56 -29.88 10.92 2.75
N THR B 57 -28.96 11.40 1.90
CA THR B 57 -27.74 10.68 1.52
C THR B 57 -26.91 10.37 2.76
N LEU B 58 -26.78 11.34 3.68
CA LEU B 58 -26.08 11.18 4.96
C LEU B 58 -26.63 9.98 5.73
N ARG B 59 -27.96 9.83 5.78
CA ARG B 59 -28.65 8.74 6.44
C ARG B 59 -28.43 7.40 5.75
N ARG B 60 -28.56 7.36 4.40
CA ARG B 60 -28.34 6.15 3.60
C ARG B 60 -26.90 5.68 3.76
N TRP B 61 -25.95 6.64 3.70
CA TRP B 61 -24.53 6.38 3.86
C TRP B 61 -24.23 5.75 5.21
N LEU B 62 -24.76 6.32 6.30
CA LEU B 62 -24.59 5.82 7.67
C LEU B 62 -25.20 4.43 7.83
N PHE B 63 -26.36 4.19 7.21
CA PHE B 63 -27.03 2.91 7.23
C PHE B 63 -26.19 1.85 6.49
N CYS B 64 -25.61 2.23 5.35
CA CYS B 64 -24.76 1.35 4.56
C CYS B 64 -23.47 1.01 5.31
N VAL B 65 -22.85 2.01 5.99
CA VAL B 65 -21.66 1.84 6.82
C VAL B 65 -21.99 0.81 7.91
N HIS B 66 -23.10 1.01 8.64
CA HIS B 66 -23.58 0.11 9.68
C HIS B 66 -23.67 -1.34 9.17
N ASP B 67 -24.25 -1.52 7.98
CA ASP B 67 -24.41 -2.82 7.33
C ASP B 67 -23.06 -3.47 6.97
N ASN B 68 -22.04 -2.65 6.67
CA ASN B 68 -20.74 -3.17 6.31
C ASN B 68 -19.81 -3.49 7.47
N TYR B 69 -20.32 -3.32 8.69
CA TYR B 69 -19.62 -3.73 9.91
C TYR B 69 -20.09 -5.13 10.24
N ARG B 70 -19.18 -6.01 10.66
CA ARG B 70 -19.55 -7.39 10.98
C ARG B 70 -19.95 -7.54 12.45
N ASN B 71 -20.71 -8.61 12.77
CA ASN B 71 -21.14 -8.89 14.14
C ASN B 71 -20.05 -9.60 14.91
N ASN B 72 -18.92 -8.91 15.09
CA ASN B 72 -17.75 -9.36 15.83
C ASN B 72 -17.92 -8.96 17.30
N PRO B 73 -17.25 -9.64 18.27
CA PRO B 73 -17.37 -9.22 19.68
C PRO B 73 -16.85 -7.80 19.94
N PHE B 74 -15.75 -7.39 19.27
CA PHE B 74 -15.15 -6.07 19.43
C PHE B 74 -15.25 -5.17 18.19
N HIS B 75 -14.68 -5.60 17.04
CA HIS B 75 -14.62 -4.84 15.79
C HIS B 75 -15.97 -4.83 15.05
N ASN B 76 -16.91 -4.11 15.66
CA ASN B 76 -18.31 -4.00 15.23
C ASN B 76 -18.77 -2.54 15.16
N PHE B 77 -20.05 -2.32 14.83
CA PHE B 77 -20.63 -1.00 14.70
C PHE B 77 -20.57 -0.15 15.99
N ARG B 78 -20.72 -0.78 17.18
CA ARG B 78 -20.64 -0.04 18.44
C ARG B 78 -19.22 0.51 18.66
N HIS B 79 -18.19 -0.24 18.19
CA HIS B 79 -16.79 0.21 18.26
C HIS B 79 -16.60 1.44 17.36
N CYS B 80 -17.12 1.36 16.13
CA CYS B 80 -17.12 2.43 15.13
C CYS B 80 -17.76 3.68 15.75
N PHE B 81 -18.89 3.48 16.48
CA PHE B 81 -19.59 4.54 17.19
C PHE B 81 -18.70 5.19 18.28
N CYS B 82 -17.99 4.38 19.11
CA CYS B 82 -17.06 4.82 20.16
C CYS B 82 -16.02 5.77 19.63
N VAL B 83 -15.31 5.33 18.57
CA VAL B 83 -14.22 6.06 17.93
C VAL B 83 -14.73 7.41 17.40
N ALA B 84 -15.89 7.41 16.68
CA ALA B 84 -16.49 8.63 16.15
C ALA B 84 -16.98 9.55 17.28
N GLN B 85 -17.60 8.98 18.33
CA GLN B 85 -18.11 9.73 19.48
C GLN B 85 -16.95 10.36 20.27
N MET B 86 -15.82 9.62 20.44
CA MET B 86 -14.62 10.13 21.12
C MET B 86 -13.99 11.27 20.29
N MET B 87 -13.98 11.14 18.96
CA MET B 87 -13.48 12.16 18.04
C MET B 87 -14.29 13.45 18.18
N TYR B 88 -15.62 13.29 18.19
CA TYR B 88 -16.58 14.36 18.36
C TYR B 88 -16.39 15.03 19.72
N SER B 89 -16.13 14.25 20.78
CA SER B 89 -15.85 14.78 22.13
C SER B 89 -14.55 15.58 22.12
N MET B 90 -13.54 15.10 21.36
CA MET B 90 -12.25 15.78 21.24
C MET B 90 -12.30 17.09 20.48
N VAL B 91 -13.23 17.21 19.52
CA VAL B 91 -13.48 18.45 18.80
C VAL B 91 -13.89 19.55 19.79
N TRP B 92 -14.81 19.21 20.70
CA TRP B 92 -15.29 20.16 21.72
C TRP B 92 -14.29 20.43 22.80
N LEU B 93 -13.74 19.36 23.41
CA LEU B 93 -12.75 19.46 24.48
C LEU B 93 -11.53 20.26 24.04
N CYS B 94 -10.92 19.90 22.90
CA CYS B 94 -9.71 20.54 22.38
C CYS B 94 -9.96 21.78 21.52
N SER B 95 -11.24 22.20 21.33
CA SER B 95 -11.63 23.35 20.48
C SER B 95 -10.96 23.24 19.09
N LEU B 96 -11.12 22.07 18.46
CA LEU B 96 -10.51 21.75 17.18
C LEU B 96 -10.97 22.63 16.02
N GLN B 97 -12.18 23.24 16.13
CA GLN B 97 -12.73 24.12 15.10
C GLN B 97 -11.97 25.46 14.99
N GLU B 98 -11.17 25.78 16.02
CA GLU B 98 -10.30 26.96 16.08
C GLU B 98 -8.99 26.68 15.34
N LYS B 99 -8.49 25.43 15.45
CA LYS B 99 -7.21 24.97 14.90
C LYS B 99 -7.28 24.32 13.51
N PHE B 100 -8.36 23.59 13.24
CA PHE B 100 -8.56 22.85 12.00
C PHE B 100 -9.64 23.44 11.11
N SER B 101 -9.49 23.25 9.79
CA SER B 101 -10.49 23.65 8.81
C SER B 101 -11.65 22.65 8.85
N GLN B 102 -12.76 22.98 8.19
CA GLN B 102 -13.92 22.08 8.10
C GLN B 102 -13.60 20.80 7.33
N THR B 103 -12.74 20.89 6.29
CA THR B 103 -12.23 19.75 5.52
C THR B 103 -11.51 18.77 6.45
N ASP B 104 -10.67 19.28 7.39
CA ASP B 104 -9.95 18.47 8.39
C ASP B 104 -10.88 17.77 9.36
N ILE B 105 -11.91 18.47 9.85
CA ILE B 105 -12.93 17.93 10.75
C ILE B 105 -13.68 16.80 10.01
N LEU B 106 -14.04 17.05 8.73
CA LEU B 106 -14.73 16.08 7.87
C LEU B 106 -13.89 14.78 7.71
N ILE B 107 -12.59 14.94 7.45
CA ILE B 107 -11.65 13.84 7.32
C ILE B 107 -11.57 13.04 8.64
N LEU B 108 -11.41 13.75 9.76
CA LEU B 108 -11.30 13.15 11.08
C LEU B 108 -12.51 12.32 11.43
N MET B 109 -13.70 12.89 11.20
CA MET B 109 -15.00 12.26 11.48
C MET B 109 -15.31 11.08 10.54
N THR B 110 -15.10 11.28 9.22
CA THR B 110 -15.38 10.23 8.23
C THR B 110 -14.42 9.06 8.38
N ALA B 111 -13.12 9.34 8.62
CA ALA B 111 -12.14 8.27 8.87
C ALA B 111 -12.45 7.52 10.17
N ALA B 112 -12.86 8.22 11.24
CA ALA B 112 -13.23 7.56 12.52
C ALA B 112 -14.38 6.57 12.31
N ILE B 113 -15.40 6.95 11.51
CA ILE B 113 -16.57 6.13 11.21
C ILE B 113 -16.20 4.91 10.33
N CYS B 114 -15.31 5.12 9.36
CA CYS B 114 -14.93 4.12 8.38
C CYS B 114 -13.74 3.22 8.72
N HIS B 115 -12.93 3.61 9.70
CA HIS B 115 -11.66 2.96 10.05
C HIS B 115 -11.58 1.44 10.18
N ASP B 116 -12.69 0.75 10.51
CA ASP B 116 -12.72 -0.71 10.71
C ASP B 116 -13.77 -1.44 9.86
N LEU B 117 -14.16 -0.86 8.75
CA LEU B 117 -15.18 -1.44 7.88
C LEU B 117 -14.85 -2.85 7.45
N ASP B 118 -15.83 -3.76 7.63
CA ASP B 118 -15.74 -5.16 7.24
C ASP B 118 -14.56 -5.90 7.90
N HIS B 119 -14.29 -5.61 9.17
CA HIS B 119 -13.23 -6.26 9.91
C HIS B 119 -13.65 -7.73 10.14
N PRO B 120 -12.79 -8.73 9.83
CA PRO B 120 -13.20 -10.14 10.00
C PRO B 120 -13.08 -10.75 11.39
N GLY B 121 -12.44 -10.06 12.34
CA GLY B 121 -12.25 -10.55 13.69
C GLY B 121 -10.94 -11.29 13.91
N TYR B 122 -10.04 -11.25 12.90
CA TYR B 122 -8.71 -11.87 12.89
C TYR B 122 -7.74 -10.79 12.40
N ASN B 123 -6.74 -10.46 13.19
CA ASN B 123 -5.79 -9.39 12.91
C ASN B 123 -4.85 -9.60 11.70
N ASN B 124 -4.01 -8.60 11.38
CA ASN B 124 -3.06 -8.65 10.28
C ASN B 124 -2.07 -9.80 10.39
N THR B 125 -1.63 -10.13 11.62
CA THR B 125 -0.72 -11.25 11.86
C THR B 125 -1.36 -12.55 11.41
N TYR B 126 -2.67 -12.73 11.69
CA TYR B 126 -3.36 -13.92 11.21
C TYR B 126 -3.37 -13.93 9.66
N GLN B 127 -3.79 -12.80 9.05
CA GLN B 127 -3.87 -12.65 7.59
C GLN B 127 -2.58 -13.03 6.90
N ILE B 128 -1.45 -12.49 7.40
CA ILE B 128 -0.11 -12.72 6.87
C ILE B 128 0.35 -14.16 7.05
N ASN B 129 0.30 -14.69 8.29
CA ASN B 129 0.72 -16.05 8.62
C ASN B 129 -0.12 -17.11 7.91
N ALA B 130 -1.44 -16.87 7.79
CA ALA B 130 -2.34 -17.80 7.10
C ALA B 130 -2.33 -17.62 5.60
N ARG B 131 -1.65 -16.55 5.09
CA ARG B 131 -1.53 -16.22 3.66
C ARG B 131 -2.92 -16.12 3.03
N THR B 132 -3.82 -15.36 3.69
CA THR B 132 -5.21 -15.19 3.26
C THR B 132 -5.29 -14.40 1.95
N GLU B 133 -6.49 -14.33 1.36
CA GLU B 133 -6.71 -13.57 0.14
C GLU B 133 -6.43 -12.09 0.33
N LEU B 134 -6.70 -11.57 1.54
CA LEU B 134 -6.45 -10.18 1.93
C LEU B 134 -4.96 -9.88 1.98
N ALA B 135 -4.15 -10.77 2.61
CA ALA B 135 -2.69 -10.65 2.70
C ALA B 135 -2.05 -10.69 1.31
N VAL B 136 -2.56 -11.58 0.44
CA VAL B 136 -2.09 -11.74 -0.93
C VAL B 136 -2.45 -10.52 -1.78
N ARG B 137 -3.67 -9.99 -1.60
CA ARG B 137 -4.15 -8.78 -2.29
C ARG B 137 -3.30 -7.55 -1.91
N TYR B 138 -3.03 -7.39 -0.60
CA TYR B 138 -2.30 -6.24 -0.10
C TYR B 138 -0.80 -6.39 0.10
N ASN B 139 -0.24 -7.51 -0.35
CA ASN B 139 1.20 -7.79 -0.30
C ASN B 139 1.81 -7.66 1.11
N ASP B 140 1.04 -8.10 2.14
CA ASP B 140 1.37 -8.05 3.58
C ASP B 140 1.49 -6.63 4.11
N ILE B 141 1.07 -5.61 3.32
CA ILE B 141 1.13 -4.21 3.76
C ILE B 141 -0.21 -3.82 4.34
N SER B 142 -0.29 -3.68 5.70
CA SER B 142 -1.50 -3.32 6.46
C SER B 142 -2.75 -3.87 5.75
N PRO B 143 -2.87 -5.20 5.56
CA PRO B 143 -4.01 -5.70 4.75
C PRO B 143 -5.39 -5.28 5.20
N LEU B 144 -5.65 -5.32 6.52
CA LEU B 144 -6.94 -4.94 7.09
C LEU B 144 -7.28 -3.48 6.87
N GLU B 145 -6.33 -2.58 7.22
CA GLU B 145 -6.53 -1.13 7.11
C GLU B 145 -6.75 -0.71 5.67
N ASN B 146 -6.01 -1.35 4.73
CA ASN B 146 -6.17 -1.09 3.30
C ASN B 146 -7.57 -1.49 2.85
N HIS B 147 -8.07 -2.63 3.36
CA HIS B 147 -9.42 -3.14 3.10
C HIS B 147 -10.48 -2.23 3.68
N HIS B 148 -10.36 -1.79 4.96
CA HIS B 148 -11.33 -0.88 5.60
C HIS B 148 -11.52 0.36 4.75
N CYS B 149 -10.40 0.90 4.28
CA CYS B 149 -10.34 2.08 3.44
C CYS B 149 -10.95 1.87 2.03
N ALA B 150 -10.71 0.70 1.39
CA ALA B 150 -11.26 0.32 0.09
C ALA B 150 -12.79 0.19 0.20
N VAL B 151 -13.28 -0.46 1.28
CA VAL B 151 -14.70 -0.63 1.55
C VAL B 151 -15.36 0.74 1.76
N ALA B 152 -14.68 1.67 2.47
CA ALA B 152 -15.16 3.05 2.69
C ALA B 152 -15.44 3.76 1.37
N PHE B 153 -14.49 3.66 0.43
CA PHE B 153 -14.59 4.29 -0.88
C PHE B 153 -15.48 3.59 -1.86
N GLN B 154 -15.76 2.29 -1.61
CA GLN B 154 -16.71 1.50 -2.40
C GLN B 154 -18.12 1.93 -2.03
N ILE B 155 -18.38 2.21 -0.74
CA ILE B 155 -19.68 2.69 -0.23
C ILE B 155 -19.93 4.09 -0.80
N LEU B 156 -18.94 4.99 -0.70
CA LEU B 156 -19.03 6.36 -1.22
C LEU B 156 -19.17 6.43 -2.74
N ALA B 157 -18.82 5.36 -3.46
CA ALA B 157 -18.96 5.29 -4.92
C ALA B 157 -20.41 4.98 -5.32
N GLU B 158 -21.21 4.44 -4.39
CA GLU B 158 -22.64 4.19 -4.64
C GLU B 158 -23.33 5.56 -4.60
N PRO B 159 -23.98 6.00 -5.70
CA PRO B 159 -24.55 7.35 -5.74
C PRO B 159 -25.49 7.77 -4.61
N GLU B 160 -26.29 6.83 -4.08
CA GLU B 160 -27.23 7.10 -2.98
C GLU B 160 -26.51 7.23 -1.61
N CYS B 161 -25.22 6.87 -1.55
CA CYS B 161 -24.39 6.94 -0.34
C CYS B 161 -23.31 8.00 -0.42
N ASN B 162 -23.16 8.63 -1.59
CA ASN B 162 -22.11 9.61 -1.78
C ASN B 162 -22.36 10.93 -1.07
N ILE B 163 -21.92 11.03 0.18
CA ILE B 163 -22.02 12.25 0.99
C ILE B 163 -21.13 13.39 0.45
N PHE B 164 -20.21 13.06 -0.47
CA PHE B 164 -19.26 13.99 -1.09
C PHE B 164 -19.65 14.40 -2.50
N SER B 165 -20.89 14.06 -2.94
CA SER B 165 -21.39 14.33 -4.29
C SER B 165 -21.42 15.79 -4.70
N ASN B 166 -21.56 16.70 -3.73
CA ASN B 166 -21.62 18.15 -3.98
C ASN B 166 -20.30 18.85 -3.71
N ILE B 167 -19.24 18.07 -3.49
CA ILE B 167 -17.91 18.61 -3.24
C ILE B 167 -17.15 18.65 -4.58
N PRO B 168 -16.49 19.77 -4.97
CA PRO B 168 -15.72 19.79 -6.23
C PRO B 168 -14.62 18.73 -6.26
N PRO B 169 -14.14 18.27 -7.45
CA PRO B 169 -13.11 17.20 -7.49
C PRO B 169 -11.85 17.43 -6.67
N ASP B 170 -11.35 18.68 -6.61
CA ASP B 170 -10.15 19.03 -5.84
C ASP B 170 -10.35 18.83 -4.34
N GLY B 171 -11.57 19.14 -3.86
CA GLY B 171 -11.97 18.94 -2.48
C GLY B 171 -12.06 17.47 -2.16
N PHE B 172 -12.68 16.67 -3.08
CA PHE B 172 -12.82 15.22 -2.93
C PHE B 172 -11.44 14.57 -2.78
N LYS B 173 -10.51 14.89 -3.68
CA LYS B 173 -9.16 14.34 -3.68
C LYS B 173 -8.44 14.63 -2.36
N GLN B 174 -8.63 15.85 -1.83
CA GLN B 174 -8.06 16.30 -0.57
C GLN B 174 -8.60 15.47 0.60
N ILE B 175 -9.95 15.24 0.64
CA ILE B 175 -10.62 14.44 1.67
C ILE B 175 -10.22 12.96 1.56
N ARG B 176 -10.23 12.41 0.32
CA ARG B 176 -9.83 11.04 0.03
C ARG B 176 -8.41 10.75 0.54
N GLN B 177 -7.44 11.62 0.20
CA GLN B 177 -6.03 11.49 0.62
C GLN B 177 -5.91 11.50 2.15
N GLY B 178 -6.60 12.43 2.80
CA GLY B 178 -6.58 12.56 4.25
C GLY B 178 -7.16 11.35 4.93
N MET B 179 -8.30 10.85 4.43
CA MET B 179 -8.96 9.67 4.99
C MET B 179 -8.09 8.42 4.87
N ILE B 180 -7.40 8.26 3.71
CA ILE B 180 -6.51 7.14 3.47
C ILE B 180 -5.38 7.16 4.48
N THR B 181 -4.73 8.34 4.64
CA THR B 181 -3.64 8.51 5.62
C THR B 181 -4.11 8.13 7.03
N LEU B 182 -5.29 8.62 7.45
CA LEU B 182 -5.83 8.36 8.79
C LEU B 182 -6.20 6.91 9.06
N ILE B 183 -6.96 6.26 8.15
CA ILE B 183 -7.34 4.85 8.31
C ILE B 183 -6.10 3.96 8.32
N LEU B 184 -5.10 4.23 7.44
CA LEU B 184 -3.88 3.44 7.41
C LEU B 184 -3.04 3.62 8.69
N ALA B 185 -3.16 4.80 9.33
CA ALA B 185 -2.44 5.14 10.55
C ALA B 185 -2.95 4.37 11.76
N THR B 186 -4.13 3.73 11.67
CA THR B 186 -4.72 2.96 12.76
C THR B 186 -4.06 1.58 12.97
N ASP B 187 -3.18 1.17 12.04
CA ASP B 187 -2.41 -0.08 12.15
C ASP B 187 -1.39 0.07 13.28
N MET B 188 -1.59 -0.71 14.36
CA MET B 188 -0.72 -0.68 15.54
C MET B 188 0.73 -1.07 15.28
N ALA B 189 1.01 -1.77 14.17
CA ALA B 189 2.39 -2.12 13.78
C ALA B 189 3.22 -0.87 13.48
N ARG B 190 2.53 0.27 13.23
CA ARG B 190 3.13 1.56 12.91
C ARG B 190 3.14 2.52 14.09
N HIS B 191 2.61 2.11 15.27
CA HIS B 191 2.51 2.94 16.46
C HIS B 191 3.80 3.71 16.83
N ALA B 192 4.91 3.00 17.09
CA ALA B 192 6.19 3.60 17.47
C ALA B 192 6.72 4.59 16.42
N GLU B 193 6.64 4.23 15.12
CA GLU B 193 7.03 5.06 13.96
C GLU B 193 6.24 6.40 13.98
N ILE B 194 4.90 6.34 14.09
CA ILE B 194 4.00 7.51 14.13
C ILE B 194 4.27 8.35 15.40
N MET B 195 4.39 7.69 16.55
CA MET B 195 4.68 8.37 17.82
C MET B 195 6.00 9.15 17.76
N ASP B 196 7.06 8.51 17.18
CA ASP B 196 8.37 9.14 16.99
C ASP B 196 8.31 10.34 16.07
N SER B 197 7.60 10.22 14.93
CA SER B 197 7.47 11.33 13.97
C SER B 197 6.72 12.51 14.62
N PHE B 198 5.64 12.23 15.38
CA PHE B 198 4.88 13.29 16.05
C PHE B 198 5.71 14.02 17.09
N LYS B 199 6.40 13.27 17.97
CA LYS B 199 7.26 13.80 19.03
C LYS B 199 8.38 14.69 18.47
N GLU B 200 8.86 14.35 17.27
CA GLU B 200 9.88 15.08 16.53
C GLU B 200 9.32 16.44 16.12
N LYS B 201 8.05 16.47 15.66
CA LYS B 201 7.35 17.70 15.27
C LYS B 201 6.97 18.51 16.50
N MET B 202 6.69 17.80 17.61
CA MET B 202 6.32 18.38 18.89
C MET B 202 7.41 19.25 19.51
N GLU B 203 8.69 19.04 19.11
CA GLU B 203 9.86 19.79 19.55
C GLU B 203 9.70 21.30 19.28
N ASN B 204 8.92 21.64 18.21
CA ASN B 204 8.57 22.99 17.78
C ASN B 204 7.36 22.90 16.80
N PHE B 205 6.17 22.59 17.36
CA PHE B 205 4.93 22.39 16.62
C PHE B 205 4.44 23.63 15.89
N ASP B 206 3.96 23.45 14.65
CA ASP B 206 3.46 24.53 13.79
C ASP B 206 2.10 24.14 13.19
N TYR B 207 1.03 24.86 13.58
CA TYR B 207 -0.34 24.62 13.10
C TYR B 207 -0.52 24.98 11.63
N SER B 208 0.42 25.74 11.06
CA SER B 208 0.35 26.12 9.65
C SER B 208 1.21 25.19 8.76
N ASN B 209 1.88 24.20 9.38
CA ASN B 209 2.71 23.22 8.67
C ASN B 209 1.86 21.98 8.43
N GLU B 210 1.53 21.71 7.14
CA GLU B 210 0.70 20.58 6.68
C GLU B 210 1.17 19.22 7.20
N GLU B 211 2.50 19.01 7.24
CA GLU B 211 3.13 17.78 7.74
C GLU B 211 2.85 17.59 9.22
N HIS B 212 2.92 18.68 10.01
CA HIS B 212 2.66 18.70 11.44
C HIS B 212 1.20 18.34 11.70
N MET B 213 0.29 18.94 10.92
CA MET B 213 -1.16 18.75 11.02
C MET B 213 -1.61 17.37 10.64
N THR B 214 -0.96 16.76 9.63
CA THR B 214 -1.21 15.38 9.18
C THR B 214 -0.87 14.44 10.34
N LEU B 215 0.32 14.62 10.95
CA LEU B 215 0.75 13.83 12.10
C LEU B 215 -0.16 13.99 13.31
N LEU B 216 -0.62 15.24 13.58
CA LEU B 216 -1.57 15.50 14.65
C LEU B 216 -2.91 14.77 14.38
N LYS B 217 -3.43 14.83 13.14
CA LYS B 217 -4.66 14.14 12.77
C LYS B 217 -4.52 12.62 12.92
N MET B 218 -3.32 12.06 12.57
CA MET B 218 -3.00 10.63 12.71
C MET B 218 -3.03 10.25 14.21
N ILE B 219 -2.42 11.08 15.06
CA ILE B 219 -2.40 10.88 16.50
C ILE B 219 -3.83 10.97 17.08
N LEU B 220 -4.63 11.94 16.59
CA LEU B 220 -6.02 12.08 17.04
C LEU B 220 -6.87 10.84 16.73
N ILE B 221 -6.78 10.30 15.49
CA ILE B 221 -7.53 9.09 15.13
C ILE B 221 -7.06 7.86 15.92
N LYS B 222 -5.73 7.78 16.20
CA LYS B 222 -5.11 6.71 16.97
C LYS B 222 -5.62 6.81 18.41
N CYS B 223 -5.65 8.03 18.98
CA CYS B 223 -6.17 8.30 20.32
C CYS B 223 -7.60 7.78 20.48
N CYS B 224 -8.48 8.16 19.55
CA CYS B 224 -9.89 7.77 19.54
C CYS B 224 -10.10 6.28 19.38
N ASP B 225 -9.30 5.63 18.53
CA ASP B 225 -9.39 4.20 18.25
C ASP B 225 -9.15 3.32 19.47
N ILE B 226 -8.11 3.61 20.25
CA ILE B 226 -7.74 2.81 21.43
C ILE B 226 -8.17 3.45 22.77
N SER B 227 -9.08 4.42 22.71
CA SER B 227 -9.61 5.25 23.80
C SER B 227 -10.60 4.63 24.81
N ASN B 228 -10.93 3.33 24.70
CA ASN B 228 -11.91 2.75 25.64
C ASN B 228 -11.64 3.03 27.10
N GLU B 229 -10.38 2.89 27.54
CA GLU B 229 -9.99 3.13 28.93
C GLU B 229 -10.15 4.58 29.45
N VAL B 230 -10.35 5.56 28.54
CA VAL B 230 -10.57 6.97 28.88
C VAL B 230 -12.00 7.13 29.44
N ARG B 231 -12.91 6.25 28.99
CA ARG B 231 -14.31 6.23 29.38
C ARG B 231 -14.51 5.79 30.84
N PRO B 232 -15.65 6.15 31.51
CA PRO B 232 -15.86 5.67 32.89
C PRO B 232 -15.75 4.14 32.99
N MET B 233 -15.20 3.64 34.11
CA MET B 233 -14.94 2.23 34.36
C MET B 233 -16.05 1.27 33.92
N GLU B 234 -17.30 1.61 34.22
CA GLU B 234 -18.48 0.79 33.89
C GLU B 234 -18.71 0.68 32.37
N VAL B 235 -18.31 1.72 31.61
CA VAL B 235 -18.42 1.80 30.16
C VAL B 235 -17.18 1.12 29.54
N ALA B 236 -15.99 1.42 30.11
CA ALA B 236 -14.68 0.94 29.66
C ALA B 236 -14.49 -0.56 29.79
N GLU B 237 -14.71 -1.11 30.99
CA GLU B 237 -14.50 -2.53 31.31
C GLU B 237 -15.07 -3.59 30.36
N PRO B 238 -16.37 -3.56 29.96
CA PRO B 238 -16.90 -4.62 29.08
C PRO B 238 -16.19 -4.79 27.73
N TRP B 239 -15.52 -3.72 27.23
CA TRP B 239 -14.77 -3.76 25.97
C TRP B 239 -13.57 -4.71 26.00
N VAL B 240 -12.92 -4.87 27.19
CA VAL B 240 -11.76 -5.76 27.40
C VAL B 240 -12.18 -7.21 27.08
N ASP B 241 -13.30 -7.65 27.66
CA ASP B 241 -13.85 -8.99 27.46
C ASP B 241 -14.22 -9.27 26.03
N CYS B 242 -14.73 -8.25 25.33
CA CYS B 242 -15.11 -8.30 23.92
C CYS B 242 -13.87 -8.56 23.06
N LEU B 243 -12.79 -7.80 23.31
CA LEU B 243 -11.54 -7.94 22.58
C LEU B 243 -10.91 -9.29 22.82
N LEU B 244 -10.90 -9.77 24.09
CA LEU B 244 -10.35 -11.08 24.46
C LEU B 244 -11.12 -12.20 23.79
N GLU B 245 -12.45 -12.02 23.65
CA GLU B 245 -13.32 -12.98 22.98
C GLU B 245 -12.88 -13.19 21.52
N GLU B 246 -12.52 -12.07 20.86
CA GLU B 246 -12.04 -12.06 19.48
C GLU B 246 -10.64 -12.67 19.39
N TYR B 247 -9.75 -12.28 20.31
CA TYR B 247 -8.38 -12.74 20.38
C TYR B 247 -8.32 -14.25 20.60
N PHE B 248 -9.19 -14.79 21.50
CA PHE B 248 -9.31 -16.23 21.80
C PHE B 248 -9.80 -17.04 20.60
N MET B 249 -10.70 -16.46 19.80
CA MET B 249 -11.23 -17.06 18.56
C MET B 249 -10.05 -17.26 17.56
N GLN B 250 -9.17 -16.23 17.47
CA GLN B 250 -7.98 -16.21 16.60
C GLN B 250 -6.94 -17.25 17.05
N SER B 251 -6.52 -17.21 18.34
CA SER B 251 -5.53 -18.13 18.90
C SER B 251 -5.96 -19.61 18.80
N ASP B 252 -7.27 -19.89 19.00
CA ASP B 252 -7.85 -21.24 18.87
C ASP B 252 -7.69 -21.72 17.44
N ARG B 253 -8.00 -20.84 16.47
CA ARG B 253 -7.88 -21.12 15.03
C ARG B 253 -6.40 -21.33 14.65
N GLU B 254 -5.51 -20.48 15.17
CA GLU B 254 -4.06 -20.56 14.93
C GLU B 254 -3.49 -21.89 15.44
N LYS B 255 -3.94 -22.34 16.63
CA LYS B 255 -3.55 -23.62 17.24
C LYS B 255 -3.97 -24.76 16.33
N SER B 256 -5.25 -24.75 15.91
CA SER B 256 -5.89 -25.71 15.00
C SER B 256 -5.18 -25.77 13.62
N GLU B 257 -4.76 -24.61 13.08
CA GLU B 257 -4.10 -24.52 11.78
C GLU B 257 -2.57 -24.64 11.84
N GLY B 258 -2.02 -24.78 13.05
CA GLY B 258 -0.58 -24.91 13.28
C GLY B 258 0.21 -23.65 13.02
N LEU B 259 -0.42 -22.48 13.27
CA LEU B 259 0.17 -21.17 13.07
C LEU B 259 0.70 -20.59 14.40
N PRO B 260 1.66 -19.63 14.37
CA PRO B 260 2.11 -19.00 15.64
C PRO B 260 0.96 -18.34 16.41
N VAL B 261 0.98 -18.45 17.74
CA VAL B 261 0.00 -17.87 18.66
C VAL B 261 0.69 -16.76 19.47
N ALA B 262 0.08 -15.56 19.54
CA ALA B 262 0.65 -14.44 20.30
C ALA B 262 0.33 -14.67 21.78
N PRO B 263 1.29 -14.47 22.72
CA PRO B 263 0.99 -14.74 24.15
C PRO B 263 -0.17 -13.94 24.73
N PHE B 264 -0.39 -12.70 24.25
CA PHE B 264 -1.48 -11.84 24.72
C PHE B 264 -2.87 -12.33 24.26
N MET B 265 -2.91 -13.39 23.43
CA MET B 265 -4.13 -14.00 22.89
C MET B 265 -4.31 -15.43 23.42
N ASP B 266 -3.28 -15.99 24.08
CA ASP B 266 -3.32 -17.34 24.63
C ASP B 266 -4.18 -17.39 25.87
N ARG B 267 -5.30 -18.11 25.75
CA ARG B 267 -6.31 -18.36 26.77
C ARG B 267 -5.72 -18.78 28.12
N ASP B 268 -4.52 -19.44 28.12
CA ASP B 268 -3.82 -19.92 29.31
C ASP B 268 -2.73 -18.95 29.82
N LYS B 269 -2.42 -17.90 29.05
CA LYS B 269 -1.38 -16.94 29.42
C LYS B 269 -1.91 -15.59 29.93
N VAL B 270 -2.83 -14.95 29.17
CA VAL B 270 -3.38 -13.63 29.52
C VAL B 270 -4.24 -13.61 30.76
N THR B 271 -4.18 -12.47 31.46
CA THR B 271 -5.05 -12.09 32.57
C THR B 271 -5.52 -10.70 32.18
N LYS B 272 -6.79 -10.39 32.44
CA LYS B 272 -7.44 -9.11 32.13
C LYS B 272 -6.60 -7.91 32.64
N ALA B 273 -6.13 -7.99 33.90
CA ALA B 273 -5.31 -6.97 34.56
C ALA B 273 -3.95 -6.77 33.91
N THR B 274 -3.17 -7.84 33.67
CA THR B 274 -1.83 -7.74 33.04
C THR B 274 -1.89 -7.23 31.61
N ALA B 275 -2.95 -7.64 30.86
CA ALA B 275 -3.19 -7.17 29.49
C ALA B 275 -3.37 -5.63 29.47
N GLN B 276 -4.16 -5.11 30.42
CA GLN B 276 -4.45 -3.68 30.50
C GLN B 276 -3.37 -2.79 31.09
N ILE B 277 -2.68 -3.23 32.20
CA ILE B 277 -1.62 -2.45 32.87
C ILE B 277 -0.58 -1.95 31.90
N GLY B 278 0.00 -2.87 31.14
CA GLY B 278 1.03 -2.57 30.15
C GLY B 278 0.53 -1.65 29.05
N PHE B 279 -0.68 -1.92 28.54
CA PHE B 279 -1.30 -1.13 27.48
C PHE B 279 -1.58 0.31 27.92
N ILE B 280 -2.12 0.49 29.14
CA ILE B 280 -2.43 1.82 29.66
C ILE B 280 -1.11 2.60 29.89
N LYS B 281 -0.16 1.99 30.63
CA LYS B 281 1.14 2.56 31.01
C LYS B 281 2.05 2.92 29.85
N PHE B 282 2.19 2.00 28.88
CA PHE B 282 3.15 2.15 27.79
C PHE B 282 2.60 2.56 26.43
N VAL B 283 1.29 2.44 26.22
CA VAL B 283 0.69 2.85 24.94
C VAL B 283 -0.18 4.07 25.15
N LEU B 284 -1.26 3.93 25.96
CA LEU B 284 -2.26 4.97 26.22
C LEU B 284 -1.77 6.24 26.90
N ILE B 285 -1.22 6.13 28.11
CA ILE B 285 -0.72 7.29 28.86
C ILE B 285 0.33 8.09 28.06
N PRO B 286 1.43 7.46 27.54
CA PRO B 286 2.41 8.24 26.77
C PRO B 286 1.82 8.99 25.57
N MET B 287 0.87 8.36 24.85
CA MET B 287 0.22 8.97 23.70
C MET B 287 -0.58 10.21 24.10
N PHE B 288 -1.43 10.08 25.14
CA PHE B 288 -2.21 11.22 25.65
C PHE B 288 -1.36 12.30 26.31
N GLU B 289 -0.17 11.94 26.81
CA GLU B 289 0.78 12.88 27.39
C GLU B 289 1.32 13.86 26.32
N THR B 290 1.61 13.34 25.10
CA THR B 290 2.12 14.17 24.00
C THR B 290 1.07 15.16 23.50
N VAL B 291 -0.22 14.74 23.48
CA VAL B 291 -1.37 15.55 23.05
C VAL B 291 -1.61 16.70 24.05
N THR B 292 -1.44 16.40 25.36
CA THR B 292 -1.62 17.34 26.49
C THR B 292 -0.73 18.57 26.36
N LYS B 293 0.43 18.41 25.72
CA LYS B 293 1.37 19.51 25.46
C LYS B 293 0.72 20.59 24.55
N LEU B 294 -0.14 20.18 23.59
CA LEU B 294 -0.88 21.09 22.70
C LEU B 294 -2.24 21.45 23.27
N PHE B 295 -2.91 20.49 23.95
CA PHE B 295 -4.24 20.67 24.53
C PHE B 295 -4.21 20.37 26.02
N PRO B 296 -3.92 21.39 26.87
CA PRO B 296 -3.80 21.15 28.32
C PRO B 296 -5.02 20.56 29.04
N MET B 297 -6.22 20.77 28.48
CA MET B 297 -7.49 20.25 29.01
C MET B 297 -7.65 18.72 28.94
N VAL B 298 -6.82 18.05 28.10
CA VAL B 298 -6.78 16.59 27.92
C VAL B 298 -6.33 15.88 29.22
N GLU B 299 -5.47 16.52 30.04
CA GLU B 299 -4.97 15.92 31.28
C GLU B 299 -6.10 15.58 32.27
N GLU B 300 -6.96 16.56 32.57
CA GLU B 300 -8.07 16.40 33.50
C GLU B 300 -9.16 15.47 32.98
N ILE B 301 -9.46 15.55 31.67
CA ILE B 301 -10.55 14.80 31.05
C ILE B 301 -10.17 13.41 30.57
N MET B 302 -8.92 13.22 30.11
CA MET B 302 -8.49 11.93 29.56
C MET B 302 -7.37 11.21 30.28
N LEU B 303 -6.38 11.94 30.81
CA LEU B 303 -5.29 11.29 31.55
C LEU B 303 -5.73 10.81 32.94
N GLN B 304 -6.56 11.62 33.65
CA GLN B 304 -7.08 11.26 34.97
C GLN B 304 -7.84 9.91 34.95
N PRO B 305 -8.81 9.67 34.02
CA PRO B 305 -9.45 8.34 33.96
C PRO B 305 -8.47 7.20 33.67
N LEU B 306 -7.40 7.49 32.88
CA LEU B 306 -6.38 6.49 32.56
C LEU B 306 -5.54 6.15 33.79
N TRP B 307 -5.24 7.14 34.65
CA TRP B 307 -4.48 6.93 35.88
C TRP B 307 -5.29 6.09 36.84
N GLU B 308 -6.61 6.36 36.93
CA GLU B 308 -7.55 5.64 37.79
C GLU B 308 -7.67 4.19 37.32
N SER B 309 -7.72 3.98 36.00
CA SER B 309 -7.83 2.65 35.40
C SER B 309 -6.57 1.82 35.67
N ARG B 310 -5.38 2.41 35.44
CA ARG B 310 -4.08 1.79 35.70
C ARG B 310 -4.01 1.36 37.18
N ASP B 311 -4.38 2.26 38.10
CA ASP B 311 -4.41 2.00 39.54
C ASP B 311 -5.40 0.89 39.90
N ARG B 312 -6.59 0.90 39.26
CA ARG B 312 -7.62 -0.12 39.49
C ARG B 312 -7.09 -1.49 39.02
N TYR B 313 -6.50 -1.55 37.80
CA TYR B 313 -5.94 -2.80 37.29
C TYR B 313 -4.70 -3.27 38.04
N GLU B 314 -3.82 -2.33 38.50
CA GLU B 314 -2.62 -2.68 39.28
C GLU B 314 -3.02 -3.30 40.61
N GLU B 315 -4.16 -2.85 41.17
CA GLU B 315 -4.75 -3.40 42.39
C GLU B 315 -5.38 -4.78 42.11
N LEU B 316 -6.06 -4.93 40.95
CA LEU B 316 -6.68 -6.19 40.53
C LEU B 316 -5.62 -7.31 40.37
N LYS B 317 -4.45 -6.99 39.75
CA LYS B 317 -3.35 -7.94 39.55
C LYS B 317 -2.75 -8.37 40.89
N ARG B 318 -2.66 -7.42 41.85
CA ARG B 318 -2.16 -7.61 43.21
C ARG B 318 -3.02 -8.66 43.90
N ILE B 319 -4.36 -8.57 43.72
CA ILE B 319 -5.38 -9.49 44.25
C ILE B 319 -5.24 -10.86 43.55
N ASP B 320 -5.13 -10.87 42.20
CA ASP B 320 -4.95 -12.08 41.38
C ASP B 320 -3.72 -12.87 41.86
N ASP B 321 -2.57 -12.18 42.02
CA ASP B 321 -1.28 -12.72 42.47
C ASP B 321 -1.37 -13.37 43.84
N ALA B 322 -2.04 -12.68 44.80
CA ALA B 322 -2.24 -13.14 46.18
C ALA B 322 -3.13 -14.40 46.23
N MET B 323 -4.11 -14.49 45.31
CA MET B 323 -5.02 -15.62 45.17
C MET B 323 -4.28 -16.83 44.59
N LYS B 324 -3.50 -16.61 43.52
CA LYS B 324 -2.70 -17.64 42.84
C LYS B 324 -1.60 -18.19 43.75
N GLU B 325 -0.92 -17.31 44.53
CA GLU B 325 0.12 -17.67 45.48
C GLU B 325 -0.47 -18.49 46.63
N LEU B 326 -1.72 -18.16 47.02
CA LEU B 326 -2.44 -18.86 48.09
C LEU B 326 -2.72 -20.31 47.71
N GLN B 327 -3.17 -20.55 46.46
CA GLN B 327 -3.52 -21.87 45.92
C GLN B 327 -2.28 -22.76 45.70
N LYS B 328 -1.50 -22.47 44.64
CA LYS B 328 -0.30 -23.23 44.26
C LYS B 328 0.95 -22.66 44.91
#